data_8X7D
#
_entry.id   8X7D
#
_cell.length_a   46.019
_cell.length_b   140.474
_cell.length_c   58.976
_cell.angle_alpha   90.00
_cell.angle_beta   111.89
_cell.angle_gamma   90.00
#
_symmetry.space_group_name_H-M   'P 1 21 1'
#
loop_
_entity.id
_entity.type
_entity.pdbx_description
1 polymer 'HPPD Inhibitor Sensitive 1-like 1 protein'
2 non-polymer 'COBALT (II) ION'
3 non-polymer '2-OXOGLUTARIC ACID'
4 water water
#
_entity_poly.entity_id   1
_entity_poly.type   'polypeptide(L)'
_entity_poly.pdbx_seq_one_letter_code
;MADESWRTPAIVQELAAAGVEEPPSRYVLGEKDRSDELVAAELPEPIPVVDLSRLAGADEAAKLRAALQNWGFFLLTNHG
VETSLMDDVLNLAREFFNQPIERKRKFSNLIDGKNFQVEGYGTDRVVTQDQILDWSDRLFLRVEPKEERNLAFWPDHPES
FRDVLNEYASRTKRIRDDIVQAMSKLLGLDEDYFFDRLNKAPAFARFNYYPPCPRPDLVFGVRPHSDGSLFTILLVDEDV
GGLQIQRDGKWYNVQVTPNTLLINLGDTMEVLCNGIFRSPVHRVVTNAERERISLAMLYSVNDEKDIGPAAGLLDENRPA
RYRKVSVGEFRAGIFGKFSRRERYIDSLKI
;
_entity_poly.pdbx_strand_id   A,B
#
loop_
_chem_comp.id
_chem_comp.type
_chem_comp.name
_chem_comp.formula
AKG non-polymer '2-OXOGLUTARIC ACID' 'C5 H6 O5'
CO non-polymer 'COBALT (II) ION' 'Co 2'
#
# COMPACT_ATOMS: atom_id res chain seq x y z
N ASP A 3 8.37 13.29 39.88
CA ASP A 3 7.49 14.45 39.80
C ASP A 3 6.03 14.05 39.77
N GLU A 4 5.16 15.05 39.61
CA GLU A 4 3.78 14.84 39.20
C GLU A 4 3.58 15.08 37.71
N SER A 5 4.63 15.52 37.01
CA SER A 5 4.50 15.88 35.60
C SER A 5 4.11 14.68 34.73
N TRP A 6 4.50 13.47 35.14
CA TRP A 6 4.16 12.29 34.36
C TRP A 6 2.68 11.93 34.45
N ARG A 7 1.95 12.51 35.40
CA ARG A 7 0.51 12.27 35.50
C ARG A 7 -0.27 12.95 34.38
N THR A 8 0.27 14.04 33.82
CA THR A 8 -0.41 14.80 32.75
C THR A 8 0.47 14.75 31.50
N PRO A 9 0.24 13.80 30.61
CA PRO A 9 1.06 13.70 29.40
C PRO A 9 0.70 14.77 28.37
N ALA A 10 1.66 15.02 27.48
CA ALA A 10 1.48 16.03 26.45
C ALA A 10 0.52 15.54 25.37
N ILE A 11 -0.01 16.51 24.62
CA ILE A 11 -0.79 16.22 23.43
C ILE A 11 0.19 16.09 22.27
N VAL A 12 0.23 14.90 21.67
CA VAL A 12 1.32 14.55 20.75
C VAL A 12 1.19 15.31 19.44
N GLN A 13 -0.04 15.62 19.01
CA GLN A 13 -0.23 16.39 17.79
C GLN A 13 0.48 17.74 17.87
N GLU A 14 0.56 18.31 19.08
CA GLU A 14 1.26 19.58 19.25
C GLU A 14 2.77 19.40 19.32
N LEU A 15 3.25 18.24 19.79
CA LEU A 15 4.67 17.96 19.70
C LEU A 15 5.10 17.86 18.24
N ALA A 16 4.30 17.19 17.41
CA ALA A 16 4.61 17.09 16.00
C ALA A 16 4.54 18.45 15.31
N ALA A 17 3.53 19.25 15.65
CA ALA A 17 3.42 20.58 15.07
C ALA A 17 4.61 21.46 15.45
N ALA A 18 5.07 21.34 16.69
CA ALA A 18 6.26 22.06 17.14
C ALA A 18 7.50 21.72 16.34
N GLY A 19 7.49 20.60 15.62
CA GLY A 19 8.71 20.16 14.95
C GLY A 19 9.71 19.58 15.90
N VAL A 20 9.25 18.83 16.91
CA VAL A 20 10.16 18.23 17.87
C VAL A 20 11.15 17.34 17.14
N GLU A 21 12.43 17.49 17.46
CA GLU A 21 13.48 16.86 16.66
C GLU A 21 13.42 15.34 16.78
N GLU A 22 13.30 14.84 18.00
CA GLU A 22 13.21 13.41 18.27
C GLU A 22 12.06 13.19 19.25
N PRO A 23 11.46 12.00 19.24
CA PRO A 23 10.44 11.70 20.25
C PRO A 23 11.02 11.78 21.65
N PRO A 24 10.37 12.49 22.57
CA PRO A 24 10.85 12.51 23.97
C PRO A 24 11.00 11.11 24.53
N SER A 25 11.83 10.96 25.56
CA SER A 25 12.12 9.65 26.12
C SER A 25 10.87 8.94 26.64
N ARG A 26 9.81 9.69 26.95
CA ARG A 26 8.59 9.07 27.45
C ARG A 26 7.90 8.21 26.40
N TYR A 27 8.24 8.38 25.13
CA TYR A 27 7.61 7.65 24.04
C TYR A 27 8.50 6.58 23.41
N VAL A 28 9.78 6.53 23.77
CA VAL A 28 10.72 5.65 23.08
C VAL A 28 10.61 4.24 23.66
N LEU A 29 10.43 3.26 22.79
CA LEU A 29 10.30 1.88 23.22
C LEU A 29 11.65 1.31 23.61
N GLY A 30 11.62 0.34 24.53
CA GLY A 30 12.81 -0.41 24.84
C GLY A 30 13.25 -1.27 23.67
N GLU A 31 14.55 -1.60 23.66
CA GLU A 31 15.12 -2.37 22.56
C GLU A 31 14.43 -3.72 22.39
N LYS A 32 13.98 -4.33 23.49
CA LYS A 32 13.34 -5.64 23.40
C LYS A 32 12.03 -5.56 22.63
N ASP A 33 11.31 -4.45 22.76
CA ASP A 33 9.97 -4.30 22.18
C ASP A 33 9.99 -3.76 20.76
N ARG A 34 11.16 -3.38 20.23
CA ARG A 34 11.24 -2.84 18.88
C ARG A 34 12.37 -3.46 18.07
N SER A 35 12.95 -4.58 18.52
CA SER A 35 13.83 -5.36 17.65
C SER A 35 13.10 -5.87 16.42
N ASP A 36 11.78 -5.80 16.43
CA ASP A 36 10.96 -6.13 15.27
C ASP A 36 11.29 -5.26 14.06
N GLU A 37 12.00 -4.13 14.25
CA GLU A 37 12.13 -3.07 13.25
C GLU A 37 10.78 -2.38 13.05
N LEU A 38 9.79 -2.84 13.82
CA LEU A 38 8.39 -2.49 13.66
C LEU A 38 7.89 -2.76 12.23
N VAL A 39 8.53 -3.69 11.52
CA VAL A 39 8.13 -4.07 10.16
C VAL A 39 7.30 -5.34 10.24
N ALA A 40 6.29 -5.43 9.39
CA ALA A 40 5.42 -6.59 9.33
C ALA A 40 5.39 -7.14 7.91
N ALA A 41 5.08 -8.43 7.80
CA ALA A 41 4.97 -9.06 6.51
C ALA A 41 3.62 -8.74 5.88
N GLU A 42 3.46 -9.08 4.61
CA GLU A 42 2.20 -8.89 3.95
C GLU A 42 1.26 -10.07 4.24
N LEU A 43 -0.03 -9.88 4.06
CA LEU A 43 -0.97 -10.95 4.39
C LEU A 43 -0.82 -12.11 3.40
N PRO A 44 -0.53 -13.35 3.98
CA PRO A 44 -0.25 -14.39 2.99
C PRO A 44 -1.46 -14.75 2.16
N GLU A 45 -2.59 -14.97 2.81
CA GLU A 45 -3.82 -15.21 2.09
C GLU A 45 -4.36 -13.86 1.74
N PRO A 46 -5.16 -13.77 0.70
CA PRO A 46 -5.78 -12.45 0.45
C PRO A 46 -6.61 -12.01 1.64
N ILE A 47 -6.63 -10.69 1.86
CA ILE A 47 -7.25 -10.08 3.03
C ILE A 47 -8.66 -10.62 3.22
N PRO A 48 -9.02 -11.10 4.40
CA PRO A 48 -10.38 -11.60 4.63
C PRO A 48 -11.40 -10.49 4.42
N VAL A 49 -12.25 -10.67 3.41
CA VAL A 49 -13.23 -9.67 3.02
C VAL A 49 -14.59 -10.34 2.90
N VAL A 50 -15.57 -9.81 3.62
CA VAL A 50 -16.93 -10.36 3.64
C VAL A 50 -17.86 -9.35 2.98
N ASP A 51 -18.76 -9.85 2.14
CA ASP A 51 -19.81 -9.03 1.54
C ASP A 51 -21.04 -9.09 2.43
N LEU A 52 -21.53 -7.91 2.86
CA LEU A 52 -22.70 -7.87 3.73
C LEU A 52 -24.00 -8.07 2.95
N SER A 53 -24.03 -7.61 1.69
CA SER A 53 -25.24 -7.77 0.88
C SER A 53 -25.48 -9.20 0.46
N ARG A 54 -24.47 -10.06 0.52
CA ARG A 54 -24.60 -11.48 0.21
C ARG A 54 -24.40 -12.36 1.45
N LEU A 55 -24.48 -11.77 2.65
CA LEU A 55 -24.14 -12.51 3.85
C LEU A 55 -25.11 -13.65 4.13
N ALA A 56 -26.37 -13.50 3.71
CA ALA A 56 -27.32 -14.60 3.88
C ALA A 56 -26.97 -15.80 3.00
N GLY A 57 -26.19 -15.59 1.94
CA GLY A 57 -25.78 -16.71 1.11
C GLY A 57 -24.82 -17.63 1.84
N ALA A 58 -24.80 -18.89 1.40
CA ALA A 58 -24.00 -19.91 2.08
C ALA A 58 -22.51 -19.66 1.89
N ASP A 59 -22.11 -19.16 0.71
CA ASP A 59 -20.68 -19.00 0.43
C ASP A 59 -20.07 -17.84 1.19
N GLU A 60 -20.81 -16.75 1.38
CA GLU A 60 -20.29 -15.63 2.16
C GLU A 60 -20.20 -15.98 3.63
N ALA A 61 -21.17 -16.75 4.15
CA ALA A 61 -21.08 -17.24 5.52
C ALA A 61 -19.87 -18.14 5.70
N ALA A 62 -19.49 -18.89 4.66
CA ALA A 62 -18.29 -19.71 4.75
C ALA A 62 -17.03 -18.85 4.77
N LYS A 63 -16.99 -17.80 3.95
CA LYS A 63 -15.86 -16.86 4.02
C LYS A 63 -15.80 -16.19 5.38
N LEU A 64 -16.95 -15.86 5.96
CA LEU A 64 -16.98 -15.25 7.28
C LEU A 64 -16.43 -16.21 8.33
N ARG A 65 -16.75 -17.50 8.22
CA ARG A 65 -16.24 -18.48 9.18
C ARG A 65 -14.72 -18.59 9.09
N ALA A 66 -14.18 -18.68 7.87
CA ALA A 66 -12.74 -18.77 7.70
C ALA A 66 -12.04 -17.52 8.21
N ALA A 67 -12.69 -16.36 8.12
CA ALA A 67 -12.07 -15.12 8.59
C ALA A 67 -11.98 -15.08 10.11
N LEU A 68 -13.05 -15.48 10.79
CA LEU A 68 -13.07 -15.39 12.24
C LEU A 68 -12.23 -16.48 12.90
N GLN A 69 -12.14 -17.65 12.28
CA GLN A 69 -11.34 -18.74 12.85
C GLN A 69 -9.86 -18.57 12.55
N ASN A 70 -9.50 -18.01 11.40
CA ASN A 70 -8.09 -17.90 11.05
C ASN A 70 -7.48 -16.57 11.41
N TRP A 71 -8.27 -15.49 11.45
CA TRP A 71 -7.70 -14.16 11.65
C TRP A 71 -8.39 -13.42 12.78
N GLY A 72 -9.67 -13.70 12.98
CA GLY A 72 -10.43 -12.94 13.94
C GLY A 72 -10.80 -11.55 13.50
N PHE A 73 -10.64 -11.24 12.22
CA PHE A 73 -11.07 -9.96 11.67
C PHE A 73 -11.37 -10.15 10.18
N PHE A 74 -11.99 -9.13 9.60
CA PHE A 74 -12.28 -9.13 8.18
C PHE A 74 -12.72 -7.74 7.75
N LEU A 75 -12.51 -7.45 6.47
CA LEU A 75 -13.00 -6.21 5.87
C LEU A 75 -14.44 -6.40 5.42
N LEU A 76 -15.27 -5.40 5.69
CA LEU A 76 -16.68 -5.46 5.32
C LEU A 76 -16.92 -4.56 4.11
N THR A 77 -17.52 -5.13 3.06
CA THR A 77 -17.86 -4.41 1.84
C THR A 77 -19.36 -4.46 1.63
N ASN A 78 -19.86 -3.46 0.89
CA ASN A 78 -21.28 -3.33 0.59
C ASN A 78 -22.10 -3.30 1.88
N HIS A 79 -21.67 -2.44 2.81
CA HIS A 79 -22.27 -2.38 4.14
C HIS A 79 -23.45 -1.44 4.23
N GLY A 80 -23.76 -0.71 3.16
CA GLY A 80 -24.89 0.18 3.14
C GLY A 80 -24.63 1.58 3.65
N VAL A 81 -23.62 1.79 4.49
CA VAL A 81 -23.33 3.12 4.98
C VAL A 81 -22.86 3.99 3.82
N GLU A 82 -23.47 5.16 3.68
CA GLU A 82 -23.22 6.01 2.52
C GLU A 82 -21.84 6.63 2.60
N THR A 83 -21.22 6.79 1.42
CA THR A 83 -19.86 7.31 1.37
C THR A 83 -19.77 8.71 1.96
N SER A 84 -20.77 9.54 1.70
CA SER A 84 -20.75 10.90 2.24
C SER A 84 -20.76 10.89 3.77
N LEU A 85 -21.48 9.93 4.37
CA LEU A 85 -21.53 9.86 5.82
C LEU A 85 -20.20 9.45 6.41
N MET A 86 -19.57 8.41 5.86
CA MET A 86 -18.28 7.97 6.36
C MET A 86 -17.22 9.06 6.21
N ASP A 87 -17.25 9.77 5.08
CA ASP A 87 -16.27 10.85 4.88
C ASP A 87 -16.53 12.01 5.82
N ASP A 88 -17.79 12.30 6.12
CA ASP A 88 -18.10 13.45 6.97
C ASP A 88 -17.77 13.20 8.44
N VAL A 89 -17.90 11.96 8.92
CA VAL A 89 -17.51 11.66 10.29
C VAL A 89 -16.01 11.87 10.47
N LEU A 90 -15.22 11.43 9.48
CA LEU A 90 -13.77 11.61 9.57
C LEU A 90 -13.37 13.06 9.34
N ASN A 91 -14.08 13.77 8.46
CA ASN A 91 -13.75 15.17 8.20
C ASN A 91 -14.00 16.04 9.42
N LEU A 92 -15.19 15.91 10.03
CA LEU A 92 -15.48 16.67 11.24
C LEU A 92 -14.53 16.30 12.37
N ALA A 93 -14.09 15.04 12.43
CA ALA A 93 -13.10 14.64 13.41
C ALA A 93 -11.78 15.36 13.18
N ARG A 94 -11.34 15.40 11.91
CA ARG A 94 -10.13 16.14 11.57
C ARG A 94 -10.26 17.62 11.91
N GLU A 95 -11.46 18.19 11.75
CA GLU A 95 -11.65 19.60 12.09
C GLU A 95 -11.54 19.83 13.59
N PHE A 96 -11.90 18.84 14.41
CA PHE A 96 -11.75 18.99 15.86
C PHE A 96 -10.27 18.93 16.26
N PHE A 97 -9.55 17.93 15.75
CA PHE A 97 -8.13 17.82 16.09
C PHE A 97 -7.32 19.01 15.61
N ASN A 98 -7.82 19.76 14.62
CA ASN A 98 -7.13 20.91 14.07
C ASN A 98 -7.51 22.22 14.75
N GLN A 99 -8.44 22.20 15.70
CA GLN A 99 -8.79 23.39 16.45
C GLN A 99 -7.60 23.87 17.28
N PRO A 100 -7.57 25.15 17.64
CA PRO A 100 -6.54 25.64 18.57
C PRO A 100 -6.54 24.84 19.86
N ILE A 101 -5.33 24.67 20.42
CA ILE A 101 -5.15 23.76 21.54
C ILE A 101 -5.94 24.22 22.77
N GLU A 102 -6.06 25.54 22.96
CA GLU A 102 -6.75 26.05 24.15
C GLU A 102 -8.22 25.62 24.17
N ARG A 103 -8.85 25.54 22.99
CA ARG A 103 -10.25 25.15 22.94
C ARG A 103 -10.40 23.63 23.03
N LYS A 104 -9.43 22.88 22.49
CA LYS A 104 -9.47 21.42 22.62
C LYS A 104 -9.32 20.99 24.07
N ARG A 105 -8.52 21.73 24.84
CA ARG A 105 -8.28 21.36 26.24
C ARG A 105 -9.50 21.52 27.11
N LYS A 106 -10.58 22.14 26.62
CA LYS A 106 -11.80 22.18 27.39
C LYS A 106 -12.53 20.84 27.37
N PHE A 107 -12.19 19.95 26.45
CA PHE A 107 -12.75 18.60 26.41
C PHE A 107 -11.78 17.56 26.96
N SER A 108 -10.77 18.00 27.70
CA SER A 108 -9.74 17.07 28.18
C SER A 108 -10.34 16.03 29.12
N ASN A 109 -9.74 14.83 29.09
CA ASN A 109 -10.10 13.79 30.04
C ASN A 109 -9.34 13.92 31.36
N LEU A 110 -8.49 14.94 31.48
CA LEU A 110 -7.87 15.32 32.75
C LEU A 110 -8.71 16.44 33.33
N ILE A 111 -9.67 16.08 34.18
CA ILE A 111 -10.64 17.06 34.69
C ILE A 111 -9.89 18.10 35.51
N ASP A 112 -10.13 19.38 35.17
CA ASP A 112 -9.40 20.52 35.73
C ASP A 112 -7.89 20.39 35.54
N GLY A 113 -7.47 19.59 34.56
CA GLY A 113 -6.06 19.39 34.27
C GLY A 113 -5.32 18.49 35.23
N LYS A 114 -6.02 17.69 36.03
CA LYS A 114 -5.34 16.91 37.07
C LYS A 114 -5.91 15.51 37.25
N ASN A 115 -7.23 15.38 37.22
CA ASN A 115 -7.91 14.14 37.61
C ASN A 115 -8.35 13.38 36.35
N PHE A 116 -7.95 12.12 36.26
CA PHE A 116 -8.13 11.34 35.04
C PHE A 116 -9.48 10.66 35.00
N GLN A 117 -10.09 10.69 33.82
CA GLN A 117 -11.19 9.80 33.48
C GLN A 117 -10.96 9.32 32.05
N VAL A 118 -11.72 8.31 31.65
CA VAL A 118 -11.53 7.76 30.31
C VAL A 118 -12.16 8.68 29.26
N GLU A 119 -13.41 9.10 29.50
CA GLU A 119 -14.12 9.91 28.51
C GLU A 119 -13.48 11.29 28.38
N GLY A 120 -13.21 11.69 27.13
CA GLY A 120 -12.61 12.98 26.87
C GLY A 120 -11.48 12.94 25.86
N TYR A 121 -10.85 14.08 25.62
CA TYR A 121 -9.77 14.21 24.65
C TYR A 121 -8.42 14.19 25.35
N GLY A 122 -7.53 13.32 24.88
CA GLY A 122 -6.23 13.14 25.50
C GLY A 122 -5.65 11.79 25.12
N THR A 123 -5.03 11.10 26.08
CA THR A 123 -4.55 9.74 25.85
C THR A 123 -4.98 8.83 26.98
N ASP A 124 -4.52 7.59 26.97
CA ASP A 124 -4.96 6.60 27.94
C ASP A 124 -4.28 6.82 29.29
N ARG A 125 -4.71 6.06 30.28
CA ARG A 125 -4.29 6.30 31.66
C ARG A 125 -2.81 5.98 31.83
N VAL A 126 -2.09 6.88 32.50
CA VAL A 126 -0.69 6.68 32.83
C VAL A 126 -0.62 6.16 34.25
N VAL A 127 -0.36 4.86 34.39
CA VAL A 127 -0.42 4.24 35.71
C VAL A 127 0.85 4.50 36.50
N THR A 128 2.02 4.25 35.89
CA THR A 128 3.29 4.43 36.56
C THR A 128 4.13 5.46 35.82
N GLN A 129 5.13 5.99 36.53
CA GLN A 129 5.99 7.03 35.96
C GLN A 129 6.78 6.51 34.75
N ASP A 130 7.23 5.26 34.79
CA ASP A 130 8.02 4.70 33.71
C ASP A 130 7.17 3.96 32.68
N GLN A 131 5.89 4.31 32.56
CA GLN A 131 5.05 3.72 31.52
C GLN A 131 5.29 4.41 30.19
N ILE A 132 5.61 3.63 29.16
CA ILE A 132 5.85 4.17 27.84
C ILE A 132 4.54 4.69 27.25
N LEU A 133 4.57 5.90 26.71
CA LEU A 133 3.40 6.53 26.15
C LEU A 133 3.29 6.24 24.65
N ASP A 134 2.06 6.19 24.16
CA ASP A 134 1.84 6.00 22.73
C ASP A 134 1.92 7.33 22.00
N TRP A 135 2.32 7.26 20.73
CA TRP A 135 2.48 8.45 19.90
C TRP A 135 1.14 8.74 19.19
N SER A 136 0.17 9.16 19.99
CA SER A 136 -1.17 9.43 19.48
C SER A 136 -1.99 10.12 20.56
N ASP A 137 -3.11 10.71 20.14
CA ASP A 137 -4.15 11.19 21.02
C ASP A 137 -5.47 10.56 20.58
N ARG A 138 -6.47 10.62 21.46
CA ARG A 138 -7.76 10.06 21.09
C ARG A 138 -8.88 10.80 21.80
N LEU A 139 -10.01 10.92 21.11
CA LEU A 139 -11.23 11.47 21.68
C LEU A 139 -12.18 10.29 21.95
N PHE A 140 -12.42 10.01 23.23
CA PHE A 140 -13.17 8.83 23.65
C PHE A 140 -14.51 9.27 24.21
N LEU A 141 -15.60 8.77 23.61
CA LEU A 141 -16.94 9.18 23.98
C LEU A 141 -17.86 7.99 24.06
N ARG A 142 -18.72 7.96 25.08
CA ARG A 142 -19.78 6.98 25.16
C ARG A 142 -20.93 7.38 24.24
N VAL A 143 -21.35 6.45 23.38
CA VAL A 143 -22.50 6.68 22.52
C VAL A 143 -23.73 5.89 22.98
N GLU A 144 -23.57 4.83 23.75
CA GLU A 144 -24.70 4.04 24.25
C GLU A 144 -24.49 3.66 25.72
N PRO A 145 -25.58 3.67 26.52
CA PRO A 145 -26.92 4.08 26.12
C PRO A 145 -27.03 5.59 25.91
N LYS A 146 -27.92 6.03 25.01
CA LYS A 146 -28.04 7.45 24.71
C LYS A 146 -28.38 8.27 25.95
N GLU A 147 -28.97 7.64 26.96
CA GLU A 147 -29.33 8.37 28.19
C GLU A 147 -28.09 8.78 28.98
N GLU A 148 -27.02 8.00 28.91
CA GLU A 148 -25.81 8.24 29.68
C GLU A 148 -24.77 9.07 28.91
N ARG A 149 -25.12 9.59 27.74
CA ARG A 149 -24.20 10.47 27.03
C ARG A 149 -23.89 11.70 27.86
N ASN A 150 -22.62 12.13 27.82
CA ASN A 150 -22.15 13.31 28.54
C ASN A 150 -21.72 14.33 27.49
N LEU A 151 -22.67 15.15 27.03
CA LEU A 151 -22.46 16.03 25.89
C LEU A 151 -21.49 17.16 26.17
N ALA A 152 -21.13 17.40 27.44
CA ALA A 152 -20.09 18.38 27.73
C ALA A 152 -18.75 17.98 27.14
N PHE A 153 -18.53 16.68 26.91
CA PHE A 153 -17.30 16.21 26.29
C PHE A 153 -17.42 15.99 24.79
N TRP A 154 -18.62 16.09 24.24
CA TRP A 154 -18.76 16.08 22.78
C TRP A 154 -18.38 17.45 22.24
N PRO A 155 -17.52 17.53 21.22
CA PRO A 155 -17.10 18.84 20.71
C PRO A 155 -18.29 19.66 20.20
N ASP A 156 -18.23 20.96 20.48
CA ASP A 156 -19.23 21.90 19.96
C ASP A 156 -18.81 22.54 18.64
N HIS A 157 -17.51 22.57 18.36
CA HIS A 157 -17.01 23.01 17.07
C HIS A 157 -16.13 21.90 16.50
N PRO A 158 -16.40 21.41 15.27
CA PRO A 158 -17.48 21.84 14.37
C PRO A 158 -18.87 21.49 14.88
N GLU A 159 -19.85 22.37 14.63
CA GLU A 159 -21.20 22.20 15.17
C GLU A 159 -21.88 20.95 14.63
N SER A 160 -21.44 20.42 13.49
CA SER A 160 -22.03 19.22 12.93
C SER A 160 -21.50 17.94 13.57
N PHE A 161 -20.56 18.04 14.52
CA PHE A 161 -19.95 16.84 15.08
C PHE A 161 -20.96 16.00 15.84
N ARG A 162 -21.86 16.65 16.57
CA ARG A 162 -22.75 15.91 17.48
C ARG A 162 -23.80 15.14 16.72
N ASP A 163 -24.39 15.74 15.68
CA ASP A 163 -25.44 15.06 14.94
C ASP A 163 -24.91 14.05 13.94
N VAL A 164 -23.71 14.26 13.42
CA VAL A 164 -23.16 13.32 12.44
C VAL A 164 -22.63 12.07 13.13
N LEU A 165 -22.02 12.23 14.30
CA LEU A 165 -21.61 11.05 15.08
C LEU A 165 -22.83 10.25 15.54
N ASN A 166 -23.89 10.95 15.97
CA ASN A 166 -25.10 10.26 16.38
C ASN A 166 -25.71 9.47 15.22
N GLU A 167 -25.59 9.98 14.00
CA GLU A 167 -26.10 9.27 12.84
C GLU A 167 -25.22 8.09 12.45
N TYR A 168 -23.90 8.28 12.50
CA TYR A 168 -22.99 7.18 12.18
C TYR A 168 -23.09 6.07 13.20
N ALA A 169 -23.27 6.43 14.48
CA ALA A 169 -23.42 5.42 15.52
C ALA A 169 -24.63 4.53 15.27
N SER A 170 -25.76 5.13 14.89
CA SER A 170 -26.97 4.33 14.67
C SER A 170 -26.83 3.42 13.44
N ARG A 171 -26.05 3.85 12.44
CA ARG A 171 -25.89 3.03 11.25
C ARG A 171 -24.99 1.82 11.51
N THR A 172 -23.96 2.00 12.33
CA THR A 172 -23.08 0.89 12.65
C THR A 172 -23.68 -0.06 13.69
N LYS A 173 -24.61 0.43 14.53
CA LYS A 173 -25.36 -0.50 15.38
C LYS A 173 -26.25 -1.41 14.56
N ARG A 174 -26.66 -0.96 13.36
CA ARG A 174 -27.40 -1.81 12.45
C ARG A 174 -26.49 -2.86 11.82
N ILE A 175 -25.26 -2.47 11.44
CA ILE A 175 -24.29 -3.44 10.95
C ILE A 175 -23.92 -4.41 12.07
N ARG A 176 -23.80 -3.90 13.29
CA ARG A 176 -23.47 -4.76 14.43
C ARG A 176 -24.48 -5.88 14.60
N ASP A 177 -25.77 -5.55 14.47
CA ASP A 177 -26.80 -6.58 14.62
C ASP A 177 -26.79 -7.58 13.46
N ASP A 178 -26.41 -7.14 12.25
CA ASP A 178 -26.33 -8.08 11.14
C ASP A 178 -25.15 -9.04 11.29
N ILE A 179 -24.12 -8.63 12.01
CA ILE A 179 -22.92 -9.48 12.16
C ILE A 179 -23.16 -10.55 13.22
N VAL A 180 -23.79 -10.18 14.35
CA VAL A 180 -24.04 -11.16 15.39
C VAL A 180 -25.04 -12.21 14.94
N GLN A 181 -25.97 -11.85 14.05
CA GLN A 181 -26.91 -12.84 13.53
C GLN A 181 -26.19 -13.89 12.70
N ALA A 182 -25.30 -13.46 11.81
CA ALA A 182 -24.53 -14.41 11.02
C ALA A 182 -23.59 -15.23 11.90
N MET A 183 -23.00 -14.60 12.92
CA MET A 183 -22.10 -15.34 13.81
C MET A 183 -22.87 -16.35 14.66
N SER A 184 -24.10 -16.01 15.04
CA SER A 184 -24.93 -16.97 15.77
C SER A 184 -25.26 -18.18 14.92
N LYS A 185 -25.47 -17.98 13.62
CA LYS A 185 -25.67 -19.11 12.71
C LYS A 185 -24.42 -19.99 12.65
N LEU A 186 -23.25 -19.36 12.53
CA LEU A 186 -22.00 -20.11 12.47
C LEU A 186 -21.79 -20.92 13.73
N LEU A 187 -22.05 -20.33 14.90
CA LEU A 187 -21.85 -21.02 16.17
C LEU A 187 -22.98 -21.98 16.50
N GLY A 188 -24.14 -21.84 15.87
CA GLY A 188 -25.25 -22.70 16.18
C GLY A 188 -26.04 -22.32 17.40
N LEU A 189 -25.97 -21.05 17.81
CA LEU A 189 -26.70 -20.56 18.96
C LEU A 189 -27.87 -19.67 18.52
N ASP A 190 -28.78 -19.43 19.45
CA ASP A 190 -29.81 -18.44 19.23
C ASP A 190 -29.21 -17.05 19.19
N GLU A 191 -29.70 -16.22 18.26
CA GLU A 191 -29.27 -14.83 18.20
C GLU A 191 -29.60 -14.08 19.48
N ASP A 192 -30.62 -14.54 20.22
CA ASP A 192 -30.98 -13.87 21.46
C ASP A 192 -29.94 -14.06 22.56
N TYR A 193 -29.02 -15.02 22.42
CA TYR A 193 -27.94 -15.14 23.39
C TYR A 193 -27.08 -13.89 23.40
N PHE A 194 -26.66 -13.41 22.22
CA PHE A 194 -25.83 -12.22 22.15
C PHE A 194 -26.66 -10.96 22.37
N PHE A 195 -27.89 -10.91 21.83
CA PHE A 195 -28.68 -9.70 21.93
C PHE A 195 -29.08 -9.40 23.37
N ASP A 196 -29.26 -10.43 24.20
CA ASP A 196 -29.56 -10.17 25.61
C ASP A 196 -28.36 -9.54 26.31
N ARG A 197 -27.15 -9.97 25.97
CA ARG A 197 -25.95 -9.38 26.55
C ARG A 197 -25.60 -8.02 25.93
N LEU A 198 -26.10 -7.73 24.73
CA LEU A 198 -25.92 -6.43 24.11
C LEU A 198 -27.07 -5.48 24.40
N ASN A 199 -28.01 -5.87 25.25
CA ASN A 199 -29.18 -5.05 25.53
C ASN A 199 -28.78 -3.89 26.44
N LYS A 200 -28.89 -2.67 25.93
CA LYS A 200 -28.51 -1.45 26.66
C LYS A 200 -27.09 -1.54 27.20
N ALA A 201 -26.23 -2.23 26.46
CA ALA A 201 -24.83 -2.37 26.84
C ALA A 201 -24.05 -1.14 26.43
N PRO A 202 -22.92 -0.86 27.09
CA PRO A 202 -22.11 0.30 26.72
C PRO A 202 -21.54 0.18 25.31
N ALA A 203 -21.52 1.30 24.59
CA ALA A 203 -20.88 1.41 23.30
C ALA A 203 -20.11 2.72 23.24
N PHE A 204 -18.94 2.70 22.60
CA PHE A 204 -18.03 3.84 22.64
C PHE A 204 -17.50 4.13 21.25
N ALA A 205 -17.22 5.42 21.01
CA ALA A 205 -16.57 5.88 19.79
C ALA A 205 -15.20 6.40 20.16
N ARG A 206 -14.15 5.84 19.54
CA ARG A 206 -12.78 6.24 19.79
C ARG A 206 -12.21 6.83 18.51
N PHE A 207 -12.08 8.15 18.47
CA PHE A 207 -11.42 8.85 17.37
C PHE A 207 -9.94 8.90 17.65
N ASN A 208 -9.14 8.24 16.82
CA ASN A 208 -7.69 8.20 17.01
C ASN A 208 -7.02 9.16 16.04
N TYR A 209 -6.03 9.90 16.55
CA TYR A 209 -5.19 10.77 15.73
C TYR A 209 -3.73 10.35 15.94
N TYR A 210 -3.11 9.83 14.89
CA TYR A 210 -1.71 9.44 14.94
C TYR A 210 -0.88 10.48 14.21
N PRO A 211 -0.20 11.39 14.91
CA PRO A 211 0.60 12.40 14.22
C PRO A 211 1.83 11.76 13.58
N PRO A 212 2.44 12.43 12.61
CA PRO A 212 3.73 11.93 12.10
C PRO A 212 4.78 11.96 13.19
N CYS A 213 5.69 10.98 13.13
CA CYS A 213 6.73 10.86 14.12
C CYS A 213 8.10 10.98 13.45
N PRO A 214 9.02 11.79 13.99
CA PRO A 214 10.36 11.88 13.39
C PRO A 214 11.15 10.59 13.42
N ARG A 215 10.85 9.68 14.35
CA ARG A 215 11.49 8.36 14.41
C ARG A 215 10.41 7.29 14.51
N PRO A 216 9.84 6.87 13.36
CA PRO A 216 8.76 5.88 13.41
C PRO A 216 9.18 4.52 13.97
N ASP A 217 10.48 4.23 13.97
CA ASP A 217 10.99 2.96 14.47
C ASP A 217 11.20 2.95 15.98
N LEU A 218 10.86 4.04 16.67
CA LEU A 218 11.06 4.13 18.11
C LEU A 218 9.77 4.21 18.91
N VAL A 219 8.62 4.42 18.27
CA VAL A 219 7.37 4.64 18.97
C VAL A 219 6.29 3.73 18.40
N PHE A 220 5.20 3.61 19.14
CA PHE A 220 3.97 3.00 18.67
C PHE A 220 2.89 4.07 18.57
N GLY A 221 2.13 4.06 17.47
CA GLY A 221 0.92 4.87 17.45
C GLY A 221 -0.06 4.42 18.51
N VAL A 222 -0.31 3.12 18.58
CA VAL A 222 -0.98 2.50 19.72
C VAL A 222 -0.28 1.18 20.00
N ARG A 223 -0.06 0.89 21.28
CA ARG A 223 0.69 -0.28 21.69
C ARG A 223 -0.05 -1.56 21.26
N PRO A 224 0.65 -2.69 21.18
CA PRO A 224 -0.03 -3.96 20.91
C PRO A 224 -1.10 -4.24 21.95
N HIS A 225 -2.30 -4.60 21.47
CA HIS A 225 -3.42 -4.84 22.36
C HIS A 225 -4.49 -5.60 21.61
N SER A 226 -5.33 -6.31 22.35
CA SER A 226 -6.57 -6.87 21.86
C SER A 226 -7.72 -6.10 22.48
N ASP A 227 -8.73 -5.79 21.68
CA ASP A 227 -9.87 -5.05 22.20
C ASP A 227 -10.63 -5.90 23.21
N GLY A 228 -11.15 -5.25 24.25
CA GLY A 228 -11.89 -5.96 25.28
C GLY A 228 -13.37 -6.05 25.05
N SER A 229 -13.86 -5.52 23.93
CA SER A 229 -15.28 -5.44 23.66
C SER A 229 -15.77 -6.77 23.08
N LEU A 230 -17.04 -6.80 22.63
CA LEU A 230 -17.51 -7.97 21.90
C LEU A 230 -16.87 -8.00 20.51
N PHE A 231 -16.96 -6.89 19.79
CA PHE A 231 -16.13 -6.66 18.61
C PHE A 231 -16.15 -5.17 18.31
N THR A 232 -15.37 -4.78 17.30
CA THR A 232 -15.13 -3.39 16.99
C THR A 232 -15.37 -3.16 15.51
N ILE A 233 -15.93 -2.00 15.17
CA ILE A 233 -16.12 -1.54 13.79
C ILE A 233 -15.16 -0.38 13.57
N LEU A 234 -14.19 -0.56 12.67
CA LEU A 234 -13.11 0.40 12.48
C LEU A 234 -13.23 1.08 11.12
N LEU A 235 -13.19 2.42 11.13
CA LEU A 235 -13.19 3.24 9.93
C LEU A 235 -11.92 4.08 9.91
N VAL A 236 -11.19 4.03 8.80
CA VAL A 236 -9.92 4.74 8.65
C VAL A 236 -10.00 5.68 7.44
N ASP A 237 -9.40 6.86 7.58
CA ASP A 237 -9.43 7.87 6.53
C ASP A 237 -8.24 7.71 5.62
N GLU A 238 -8.48 7.25 4.39
CA GLU A 238 -7.46 7.12 3.35
C GLU A 238 -6.23 6.39 3.88
N ASP A 239 -6.45 5.16 4.34
CA ASP A 239 -5.41 4.39 5.02
C ASP A 239 -4.29 4.04 4.04
N VAL A 240 -3.11 4.63 4.27
CA VAL A 240 -1.92 4.24 3.51
C VAL A 240 -1.13 3.14 4.20
N GLY A 241 -1.46 2.83 5.45
CA GLY A 241 -0.73 1.83 6.21
C GLY A 241 -0.55 2.25 7.66
N GLY A 242 -0.18 1.30 8.51
CA GLY A 242 0.04 1.59 9.91
C GLY A 242 -0.51 0.50 10.81
N LEU A 243 -1.76 0.09 10.56
CA LEU A 243 -2.36 -0.97 11.35
C LEU A 243 -1.71 -2.32 11.02
N GLN A 244 -1.29 -3.04 12.06
CA GLN A 244 -0.66 -4.34 11.92
C GLN A 244 -1.34 -5.31 12.88
N ILE A 245 -1.68 -6.49 12.38
CA ILE A 245 -2.43 -7.49 13.14
C ILE A 245 -1.56 -8.73 13.29
N GLN A 246 -1.61 -9.34 14.48
CA GLN A 246 -0.76 -10.48 14.81
C GLN A 246 -1.55 -11.77 14.67
N ARG A 247 -0.94 -12.76 14.01
CA ARG A 247 -1.53 -14.08 13.84
C ARG A 247 -0.46 -15.12 14.17
N ASP A 248 -0.63 -15.81 15.30
CA ASP A 248 0.30 -16.83 15.77
C ASP A 248 1.70 -16.27 15.96
N GLY A 249 1.78 -15.02 16.43
CA GLY A 249 3.03 -14.38 16.75
C GLY A 249 3.60 -13.52 15.64
N LYS A 250 3.26 -13.81 14.38
CA LYS A 250 3.75 -13.01 13.26
C LYS A 250 2.87 -11.79 13.05
N TRP A 251 3.50 -10.70 12.63
CA TRP A 251 2.80 -9.43 12.39
C TRP A 251 2.60 -9.23 10.90
N TYR A 252 1.40 -8.75 10.54
CA TYR A 252 1.03 -8.55 9.15
C TYR A 252 0.44 -7.17 8.97
N ASN A 253 0.87 -6.47 7.93
CA ASN A 253 0.26 -5.19 7.58
C ASN A 253 -1.12 -5.44 7.02
N VAL A 254 -2.11 -4.73 7.55
CA VAL A 254 -3.46 -4.74 7.00
C VAL A 254 -3.86 -3.29 6.70
N GLN A 255 -4.49 -3.09 5.55
CA GLN A 255 -4.88 -1.76 5.10
C GLN A 255 -6.39 -1.73 4.92
N VAL A 256 -7.06 -0.91 5.73
CA VAL A 256 -8.51 -0.71 5.61
C VAL A 256 -8.72 0.17 4.37
N THR A 257 -9.10 -0.47 3.26
CA THR A 257 -9.29 0.25 2.02
C THR A 257 -10.39 1.31 2.17
N PRO A 258 -10.36 2.36 1.35
CA PRO A 258 -11.36 3.42 1.49
C PRO A 258 -12.77 2.90 1.29
N ASN A 259 -13.70 3.44 2.10
CA ASN A 259 -15.13 3.16 2.05
C ASN A 259 -15.50 1.78 2.57
N THR A 260 -14.55 1.05 3.16
CA THR A 260 -14.85 -0.23 3.78
C THR A 260 -14.59 -0.16 5.28
N LEU A 261 -15.23 -1.08 6.00
CA LEU A 261 -15.13 -1.17 7.45
C LEU A 261 -14.39 -2.44 7.82
N LEU A 262 -13.58 -2.36 8.88
CA LEU A 262 -12.87 -3.51 9.40
C LEU A 262 -13.55 -3.93 10.70
N ILE A 263 -13.98 -5.19 10.76
CA ILE A 263 -14.58 -5.76 11.95
C ILE A 263 -13.57 -6.70 12.58
N ASN A 264 -13.20 -6.45 13.83
CA ASN A 264 -12.30 -7.33 14.56
C ASN A 264 -12.93 -7.71 15.89
N LEU A 265 -12.81 -8.98 16.24
CA LEU A 265 -13.40 -9.50 17.47
C LEU A 265 -12.61 -9.03 18.68
N GLY A 266 -13.30 -8.95 19.82
CA GLY A 266 -12.70 -8.58 21.08
C GLY A 266 -12.58 -9.74 22.04
N ASP A 267 -11.97 -9.44 23.19
CA ASP A 267 -11.71 -10.47 24.20
C ASP A 267 -12.99 -11.03 24.78
N THR A 268 -14.07 -10.23 24.82
CA THR A 268 -15.34 -10.73 25.34
C THR A 268 -15.89 -11.84 24.45
N MET A 269 -15.82 -11.66 23.12
CA MET A 269 -16.36 -12.67 22.21
C MET A 269 -15.56 -13.96 22.28
N GLU A 270 -14.23 -13.86 22.39
CA GLU A 270 -13.41 -15.06 22.44
C GLU A 270 -13.75 -15.91 23.66
N VAL A 271 -14.08 -15.27 24.77
CA VAL A 271 -14.45 -16.02 25.96
C VAL A 271 -15.86 -16.61 25.81
N LEU A 272 -16.80 -15.82 25.29
CA LEU A 272 -18.16 -16.31 25.13
C LEU A 272 -18.23 -17.48 24.16
N CYS A 273 -17.46 -17.43 23.08
CA CYS A 273 -17.49 -18.49 22.09
C CYS A 273 -16.51 -19.63 22.41
N ASN A 274 -15.92 -19.62 23.61
CA ASN A 274 -15.07 -20.71 24.07
C ASN A 274 -13.84 -20.91 23.17
N GLY A 275 -13.41 -19.84 22.50
CA GLY A 275 -12.23 -19.91 21.66
C GLY A 275 -12.46 -20.51 20.29
N ILE A 276 -13.69 -20.73 19.88
CA ILE A 276 -13.97 -21.11 18.50
C ILE A 276 -13.38 -20.06 17.56
N PHE A 277 -13.55 -18.79 17.90
CA PHE A 277 -12.93 -17.67 17.23
C PHE A 277 -11.90 -17.03 18.17
N ARG A 278 -10.99 -16.25 17.60
CA ARG A 278 -9.91 -15.62 18.36
C ARG A 278 -9.99 -14.11 18.26
N SER A 279 -9.65 -13.44 19.37
CA SER A 279 -9.54 -11.99 19.38
C SER A 279 -8.14 -11.59 18.91
N PRO A 280 -8.00 -10.85 17.81
CA PRO A 280 -6.66 -10.57 17.27
C PRO A 280 -5.98 -9.43 18.02
N VAL A 281 -4.70 -9.64 18.35
CA VAL A 281 -3.85 -8.57 18.86
C VAL A 281 -3.42 -7.70 17.69
N HIS A 282 -3.42 -6.39 17.90
CA HIS A 282 -3.11 -5.46 16.83
C HIS A 282 -2.41 -4.23 17.39
N ARG A 283 -1.76 -3.48 16.50
CA ARG A 283 -1.02 -2.28 16.86
C ARG A 283 -0.98 -1.36 15.66
N VAL A 284 -0.53 -0.13 15.88
CA VAL A 284 -0.39 0.86 14.82
C VAL A 284 1.00 1.46 14.90
N VAL A 285 1.74 1.39 13.79
CA VAL A 285 3.05 2.04 13.68
C VAL A 285 2.85 3.38 12.99
N THR A 286 3.73 4.33 13.32
CA THR A 286 3.65 5.66 12.74
C THR A 286 4.51 5.74 11.48
N ASN A 287 4.51 6.92 10.86
CA ASN A 287 5.42 7.21 9.76
C ASN A 287 5.84 8.67 9.87
N ALA A 288 6.98 8.97 9.25
CA ALA A 288 7.56 10.30 9.35
C ALA A 288 6.88 11.33 8.45
N GLU A 289 5.92 10.92 7.62
CA GLU A 289 5.42 11.76 6.54
C GLU A 289 4.05 12.35 6.80
N ARG A 290 3.06 11.54 7.17
CA ARG A 290 1.68 12.00 7.21
C ARG A 290 0.97 11.45 8.44
N GLU A 291 -0.01 12.22 8.93
CA GLU A 291 -0.80 11.80 10.07
C GLU A 291 -1.84 10.77 9.63
N ARG A 292 -2.43 10.10 10.62
CA ARG A 292 -3.41 9.05 10.40
C ARG A 292 -4.57 9.25 11.35
N ILE A 293 -5.79 9.09 10.83
CA ILE A 293 -7.02 9.29 11.60
C ILE A 293 -7.91 8.07 11.42
N SER A 294 -8.45 7.55 12.52
CA SER A 294 -9.33 6.40 12.48
C SER A 294 -10.41 6.57 13.53
N LEU A 295 -11.54 5.90 13.32
CA LEU A 295 -12.63 5.87 14.27
C LEU A 295 -13.01 4.43 14.53
N ALA A 296 -13.03 4.04 15.80
CA ALA A 296 -13.37 2.68 16.22
C ALA A 296 -14.63 2.74 17.06
N MET A 297 -15.66 2.01 16.63
CA MET A 297 -16.89 1.87 17.40
C MET A 297 -16.81 0.56 18.18
N LEU A 298 -16.78 0.67 19.50
CA LEU A 298 -16.55 -0.47 20.39
C LEU A 298 -17.86 -0.82 21.09
N TYR A 299 -18.25 -2.10 21.00
CA TYR A 299 -19.50 -2.60 21.59
C TYR A 299 -19.16 -3.68 22.60
N SER A 300 -19.40 -3.40 23.88
CA SER A 300 -19.22 -4.38 24.93
C SER A 300 -20.57 -4.96 25.33
N VAL A 301 -20.56 -5.81 26.35
CA VAL A 301 -21.77 -6.45 26.85
C VAL A 301 -22.18 -5.78 28.15
N ASN A 302 -23.46 -5.94 28.50
CA ASN A 302 -23.96 -5.33 29.73
C ASN A 302 -23.49 -6.11 30.95
N ASP A 303 -23.94 -5.67 32.12
CA ASP A 303 -23.50 -6.23 33.38
C ASP A 303 -24.45 -7.30 33.92
N GLU A 304 -25.43 -7.75 33.13
CA GLU A 304 -26.43 -8.71 33.59
C GLU A 304 -25.79 -10.05 33.93
N LYS A 305 -25.38 -10.80 32.91
CA LYS A 305 -24.85 -12.14 33.08
C LYS A 305 -23.32 -12.12 33.06
N ASP A 306 -22.73 -13.10 33.74
CA ASP A 306 -21.29 -13.21 33.83
C ASP A 306 -20.67 -13.55 32.48
N ILE A 307 -19.37 -13.38 32.38
CA ILE A 307 -18.62 -13.60 31.15
C ILE A 307 -17.99 -14.99 31.22
N GLY A 308 -18.52 -15.92 30.43
CA GLY A 308 -18.00 -17.26 30.37
C GLY A 308 -18.44 -17.95 29.11
N PRO A 309 -17.85 -19.11 28.82
CA PRO A 309 -18.22 -19.85 27.61
C PRO A 309 -19.71 -20.16 27.59
N ALA A 310 -20.34 -19.90 26.44
CA ALA A 310 -21.78 -20.12 26.30
C ALA A 310 -22.13 -21.59 26.51
N ALA A 311 -23.15 -21.84 27.33
CA ALA A 311 -23.51 -23.21 27.68
C ALA A 311 -23.92 -24.01 26.45
N GLY A 312 -24.56 -23.35 25.47
CA GLY A 312 -24.96 -24.04 24.26
C GLY A 312 -23.80 -24.56 23.44
N LEU A 313 -22.59 -24.08 23.71
CA LEU A 313 -21.40 -24.56 23.02
C LEU A 313 -20.64 -25.62 23.80
N LEU A 314 -21.00 -25.86 25.06
CA LEU A 314 -20.27 -26.78 25.92
C LEU A 314 -20.98 -28.13 25.98
N ASP A 315 -20.84 -28.88 24.89
CA ASP A 315 -21.36 -30.24 24.84
C ASP A 315 -20.33 -31.19 25.42
N GLU A 316 -20.54 -32.50 25.25
CA GLU A 316 -19.60 -33.48 25.78
C GLU A 316 -18.29 -33.49 25.00
N ASN A 317 -18.28 -33.01 23.76
CA ASN A 317 -17.09 -33.10 22.92
C ASN A 317 -16.11 -31.96 23.22
N ARG A 318 -16.61 -30.73 23.28
CA ARG A 318 -15.75 -29.56 23.51
C ARG A 318 -16.16 -28.87 24.80
N PRO A 319 -15.47 -29.12 25.91
CA PRO A 319 -15.83 -28.53 27.19
C PRO A 319 -15.33 -27.09 27.31
N ALA A 320 -15.60 -26.48 28.45
CA ALA A 320 -15.21 -25.09 28.66
C ALA A 320 -13.68 -24.95 28.64
N ARG A 321 -13.20 -24.01 27.83
CA ARG A 321 -11.78 -23.71 27.72
C ARG A 321 -11.39 -22.46 28.50
N TYR A 322 -12.36 -21.72 29.03
CA TYR A 322 -12.10 -20.51 29.78
C TYR A 322 -12.87 -20.56 31.10
N ARG A 323 -12.34 -19.86 32.11
CA ARG A 323 -13.05 -19.71 33.37
C ARG A 323 -14.20 -18.72 33.22
N LYS A 324 -15.34 -19.06 33.83
CA LYS A 324 -16.45 -18.13 33.90
C LYS A 324 -16.15 -17.07 34.96
N VAL A 325 -16.40 -15.81 34.61
CA VAL A 325 -15.91 -14.67 35.40
C VAL A 325 -17.00 -13.59 35.43
N SER A 326 -16.96 -12.77 36.48
CA SER A 326 -17.92 -11.68 36.60
C SER A 326 -17.53 -10.52 35.69
N VAL A 327 -18.54 -9.76 35.27
CA VAL A 327 -18.31 -8.65 34.35
C VAL A 327 -17.41 -7.60 34.99
N GLY A 328 -17.58 -7.36 36.29
CA GLY A 328 -16.79 -6.36 36.98
C GLY A 328 -15.30 -6.64 36.94
N GLU A 329 -14.89 -7.82 37.40
CA GLU A 329 -13.48 -8.15 37.40
C GLU A 329 -12.94 -8.38 35.99
N PHE A 330 -13.80 -8.79 35.07
CA PHE A 330 -13.39 -8.89 33.66
C PHE A 330 -13.08 -7.52 33.08
N ARG A 331 -13.97 -6.55 33.33
CA ARG A 331 -13.70 -5.18 32.89
C ARG A 331 -12.47 -4.61 33.58
N ALA A 332 -12.29 -4.91 34.87
CA ALA A 332 -11.12 -4.40 35.58
C ALA A 332 -9.82 -5.01 35.08
N GLY A 333 -9.86 -6.26 34.63
CA GLY A 333 -8.66 -6.87 34.10
C GLY A 333 -8.26 -6.30 32.75
N ILE A 334 -9.24 -6.10 31.87
CA ILE A 334 -8.95 -5.50 30.55
C ILE A 334 -8.39 -4.10 30.73
N PHE A 335 -8.98 -3.32 31.65
CA PHE A 335 -8.55 -1.94 31.84
C PHE A 335 -7.15 -1.85 32.42
N GLY A 336 -6.79 -2.79 33.30
CA GLY A 336 -5.51 -2.72 33.96
C GLY A 336 -4.36 -3.26 33.14
N LYS A 337 -4.62 -4.27 32.30
CA LYS A 337 -3.57 -4.91 31.53
C LYS A 337 -3.31 -4.26 30.18
N PHE A 338 -4.07 -3.21 29.82
CA PHE A 338 -3.87 -2.57 28.52
C PHE A 338 -2.50 -1.90 28.44
N SER A 339 -2.06 -1.27 29.52
CA SER A 339 -0.76 -0.63 29.59
C SER A 339 0.36 -1.59 29.98
N ARG A 340 0.08 -2.89 30.02
CA ARG A 340 1.05 -3.91 30.37
C ARG A 340 1.24 -4.88 29.19
N ARG A 341 2.23 -5.77 29.32
CA ARG A 341 2.53 -6.72 28.26
C ARG A 341 1.55 -7.89 28.27
N GLU A 342 1.31 -8.48 29.44
CA GLU A 342 0.56 -9.73 29.49
C GLU A 342 -0.90 -9.52 29.13
N ARG A 343 -1.39 -10.35 28.20
CA ARG A 343 -2.82 -10.34 27.86
C ARG A 343 -3.63 -10.78 29.06
N TYR A 344 -4.70 -10.05 29.36
CA TYR A 344 -5.56 -10.44 30.47
C TYR A 344 -6.30 -11.73 30.17
N ILE A 345 -6.72 -11.92 28.91
CA ILE A 345 -7.53 -13.09 28.56
C ILE A 345 -6.75 -14.38 28.72
N ASP A 346 -5.42 -14.33 28.73
CA ASP A 346 -4.63 -15.54 28.92
C ASP A 346 -4.70 -16.05 30.35
N SER A 347 -5.07 -15.19 31.31
CA SER A 347 -5.23 -15.64 32.68
C SER A 347 -6.54 -16.38 32.91
N LEU A 348 -7.51 -16.22 32.00
CA LEU A 348 -8.79 -16.90 32.12
C LEU A 348 -8.79 -18.28 31.46
N LYS A 349 -7.73 -18.63 30.73
CA LYS A 349 -7.67 -19.90 30.04
C LYS A 349 -7.42 -21.04 31.01
N ILE A 350 -8.04 -22.18 30.73
CA ILE A 350 -7.81 -23.39 31.50
C ILE A 350 -7.38 -24.53 30.57
N ASP B 3 11.59 -30.36 -30.80
CA ASP B 3 10.28 -29.78 -30.56
C ASP B 3 10.24 -28.31 -30.98
N GLU B 4 11.24 -27.53 -30.56
CA GLU B 4 11.37 -26.11 -30.83
C GLU B 4 10.20 -25.29 -30.29
N SER B 5 9.40 -25.86 -29.39
CA SER B 5 8.29 -25.14 -28.79
C SER B 5 8.74 -24.05 -27.82
N TRP B 6 10.03 -24.06 -27.42
CA TRP B 6 10.53 -23.04 -26.50
C TRP B 6 10.72 -21.68 -27.17
N ARG B 7 10.82 -21.65 -28.51
CA ARG B 7 10.92 -20.40 -29.23
C ARG B 7 9.61 -19.63 -29.29
N THR B 8 8.48 -20.29 -29.03
CA THR B 8 7.15 -19.70 -29.09
C THR B 8 6.50 -19.82 -27.71
N PRO B 9 6.79 -18.89 -26.79
CA PRO B 9 6.26 -18.99 -25.44
C PRO B 9 4.76 -18.70 -25.38
N ALA B 10 4.16 -19.14 -24.28
CA ALA B 10 2.73 -19.05 -24.06
C ALA B 10 2.33 -17.62 -23.65
N ILE B 11 1.05 -17.31 -23.88
CA ILE B 11 0.46 -16.07 -23.40
C ILE B 11 0.07 -16.29 -21.94
N VAL B 12 0.76 -15.61 -21.02
CA VAL B 12 0.63 -15.89 -19.60
C VAL B 12 -0.78 -15.58 -19.10
N GLN B 13 -1.43 -14.55 -19.67
CA GLN B 13 -2.78 -14.21 -19.24
C GLN B 13 -3.73 -15.38 -19.47
N GLU B 14 -3.54 -16.13 -20.55
CA GLU B 14 -4.40 -17.28 -20.81
C GLU B 14 -4.06 -18.46 -19.91
N LEU B 15 -2.78 -18.59 -19.51
CA LEU B 15 -2.44 -19.61 -18.52
C LEU B 15 -3.05 -19.29 -17.16
N ALA B 16 -3.18 -18.00 -16.83
CA ALA B 16 -3.82 -17.62 -15.58
C ALA B 16 -5.32 -17.85 -15.63
N ALA B 17 -5.97 -17.46 -16.74
CA ALA B 17 -7.39 -17.71 -16.88
C ALA B 17 -7.70 -19.20 -16.91
N ALA B 18 -6.76 -20.01 -17.43
CA ALA B 18 -6.93 -21.45 -17.40
C ALA B 18 -7.01 -21.99 -15.97
N GLY B 19 -6.50 -21.24 -15.00
CA GLY B 19 -6.41 -21.75 -13.64
C GLY B 19 -5.29 -22.74 -13.46
N VAL B 20 -4.12 -22.47 -14.05
CA VAL B 20 -2.99 -23.38 -13.93
C VAL B 20 -2.65 -23.55 -12.46
N GLU B 21 -2.42 -24.80 -12.05
CA GLU B 21 -2.27 -25.10 -10.64
C GLU B 21 -1.02 -24.48 -10.07
N GLU B 22 0.11 -24.63 -10.76
CA GLU B 22 1.38 -24.05 -10.39
C GLU B 22 2.03 -23.50 -11.67
N PRO B 23 2.81 -22.44 -11.56
CA PRO B 23 3.50 -21.90 -12.75
C PRO B 23 4.38 -22.96 -13.38
N PRO B 24 4.27 -23.17 -14.69
CA PRO B 24 5.13 -24.16 -15.35
C PRO B 24 6.60 -23.87 -15.11
N SER B 25 7.40 -24.93 -15.14
CA SER B 25 8.80 -24.84 -14.73
C SER B 25 9.59 -23.81 -15.54
N ARG B 26 9.14 -23.47 -16.75
CA ARG B 26 9.83 -22.47 -17.54
C ARG B 26 9.78 -21.07 -16.93
N TYR B 27 8.95 -20.86 -15.91
CA TYR B 27 8.85 -19.56 -15.26
C TYR B 27 9.45 -19.54 -13.86
N VAL B 28 9.96 -20.67 -13.37
CA VAL B 28 10.38 -20.81 -11.99
C VAL B 28 11.84 -20.38 -11.85
N LEU B 29 12.10 -19.51 -10.89
CA LEU B 29 13.43 -18.94 -10.68
C LEU B 29 14.33 -19.92 -9.92
N GLY B 30 15.63 -19.70 -10.04
CA GLY B 30 16.57 -20.41 -9.20
C GLY B 30 16.51 -19.92 -7.76
N GLU B 31 17.11 -20.70 -6.87
CA GLU B 31 17.05 -20.38 -5.45
C GLU B 31 17.75 -19.06 -5.14
N LYS B 32 18.73 -18.67 -5.96
CA LYS B 32 19.44 -17.41 -5.72
C LYS B 32 18.53 -16.21 -5.89
N ASP B 33 17.70 -16.22 -6.94
CA ASP B 33 16.80 -15.10 -7.18
C ASP B 33 15.64 -15.09 -6.17
N ARG B 34 15.33 -16.26 -5.63
CA ARG B 34 14.23 -16.36 -4.68
C ARG B 34 14.66 -16.09 -3.26
N SER B 35 15.97 -16.06 -3.06
CA SER B 35 16.56 -15.77 -1.75
C SER B 35 16.90 -14.29 -1.69
N ASP B 36 17.06 -13.69 -2.85
CA ASP B 36 17.30 -12.27 -2.93
C ASP B 36 15.88 -11.86 -2.84
N GLU B 37 15.46 -11.61 -1.61
CA GLU B 37 14.08 -11.82 -1.27
C GLU B 37 13.14 -11.01 -2.13
N LEU B 38 12.13 -11.71 -2.62
CA LEU B 38 11.02 -11.10 -3.31
C LEU B 38 10.27 -10.03 -2.50
N VAL B 39 10.20 -10.22 -1.19
CA VAL B 39 9.65 -9.19 -0.31
C VAL B 39 10.66 -8.06 -0.15
N ALA B 40 10.38 -6.91 -0.77
CA ALA B 40 11.28 -5.79 -0.67
C ALA B 40 11.04 -5.04 0.65
N ALA B 41 11.88 -4.05 0.90
CA ALA B 41 11.78 -3.25 2.11
C ALA B 41 10.98 -1.98 1.84
N GLU B 42 10.80 -1.18 2.89
CA GLU B 42 10.11 0.09 2.77
C GLU B 42 11.10 1.18 2.38
N LEU B 43 10.60 2.16 1.63
CA LEU B 43 11.44 3.26 1.17
C LEU B 43 11.87 4.11 2.35
N PRO B 44 13.17 4.20 2.67
CA PRO B 44 13.60 4.95 3.86
C PRO B 44 13.15 6.39 3.86
N GLU B 45 13.65 7.16 2.90
CA GLU B 45 13.16 8.52 2.71
C GLU B 45 11.81 8.49 2.03
N PRO B 46 11.00 9.55 2.18
CA PRO B 46 9.75 9.63 1.43
C PRO B 46 10.01 9.59 -0.07
N ILE B 47 9.03 9.10 -0.81
CA ILE B 47 9.23 8.90 -2.25
C ILE B 47 9.39 10.26 -2.92
N PRO B 48 10.35 10.41 -3.84
CA PRO B 48 10.63 11.73 -4.41
C PRO B 48 9.51 12.17 -5.36
N VAL B 49 8.93 13.34 -5.09
CA VAL B 49 7.88 13.91 -5.92
C VAL B 49 8.41 15.22 -6.49
N VAL B 50 7.97 15.54 -7.71
CA VAL B 50 8.37 16.76 -8.40
C VAL B 50 7.17 17.31 -9.15
N ASP B 51 6.87 18.59 -8.93
CA ASP B 51 5.78 19.25 -9.63
C ASP B 51 6.29 19.86 -10.92
N LEU B 52 5.78 19.38 -12.06
CA LEU B 52 6.17 19.92 -13.35
C LEU B 52 5.75 21.37 -13.52
N SER B 53 4.82 21.86 -12.70
CA SER B 53 4.31 23.22 -12.83
C SER B 53 5.25 24.23 -12.20
N ARG B 54 5.66 24.00 -10.95
CA ARG B 54 6.52 24.90 -10.22
C ARG B 54 7.98 24.45 -10.21
N LEU B 55 8.39 23.65 -11.20
CA LEU B 55 9.77 23.17 -11.26
C LEU B 55 10.75 24.27 -11.63
N ALA B 56 10.28 25.36 -12.24
CA ALA B 56 11.17 26.44 -12.67
C ALA B 56 11.90 27.09 -11.51
N GLY B 57 11.49 26.85 -10.27
CA GLY B 57 12.17 27.39 -9.11
C GLY B 57 13.34 26.54 -8.67
N ALA B 58 14.18 27.12 -7.80
CA ALA B 58 15.38 26.44 -7.34
C ALA B 58 15.07 25.34 -6.34
N ASP B 59 14.05 25.54 -5.49
CA ASP B 59 13.74 24.53 -4.48
C ASP B 59 13.27 23.23 -5.10
N GLU B 60 12.58 23.28 -6.25
CA GLU B 60 12.19 22.07 -6.93
C GLU B 60 13.38 21.42 -7.62
N ALA B 61 14.25 22.23 -8.24
CA ALA B 61 15.45 21.69 -8.84
C ALA B 61 16.34 21.04 -7.81
N ALA B 62 16.26 21.48 -6.55
CA ALA B 62 16.98 20.80 -5.48
C ALA B 62 16.36 19.44 -5.19
N LYS B 63 15.03 19.36 -5.17
CA LYS B 63 14.38 18.07 -5.01
C LYS B 63 14.69 17.15 -6.19
N LEU B 64 14.69 17.72 -7.41
CA LEU B 64 14.97 16.94 -8.60
C LEU B 64 16.38 16.36 -8.56
N ARG B 65 17.35 17.13 -8.05
CA ARG B 65 18.73 16.65 -8.03
C ARG B 65 18.91 15.52 -7.03
N ALA B 66 18.33 15.66 -5.83
CA ALA B 66 18.47 14.63 -4.81
C ALA B 66 17.86 13.30 -5.27
N ALA B 67 16.79 13.36 -6.05
CA ALA B 67 16.15 12.13 -6.52
C ALA B 67 17.03 11.40 -7.52
N LEU B 68 17.50 12.10 -8.55
CA LEU B 68 18.27 11.45 -9.61
C LEU B 68 19.65 11.00 -9.14
N GLN B 69 20.25 11.73 -8.20
CA GLN B 69 21.60 11.38 -7.75
C GLN B 69 21.60 10.20 -6.80
N ASN B 70 20.56 10.04 -5.99
CA ASN B 70 20.53 9.00 -4.97
C ASN B 70 19.53 7.88 -5.25
N TRP B 71 18.54 8.11 -6.11
CA TRP B 71 17.57 7.08 -6.45
C TRP B 71 17.47 6.80 -7.94
N GLY B 72 17.70 7.79 -8.78
CA GLY B 72 17.54 7.61 -10.20
C GLY B 72 16.11 7.66 -10.69
N PHE B 73 15.16 7.99 -9.82
CA PHE B 73 13.77 8.09 -10.23
C PHE B 73 13.04 9.09 -9.35
N PHE B 74 11.82 9.41 -9.75
CA PHE B 74 10.93 10.31 -9.01
C PHE B 74 9.55 10.22 -9.62
N LEU B 75 8.55 10.66 -8.86
CA LEU B 75 7.19 10.78 -9.33
C LEU B 75 6.92 12.21 -9.76
N LEU B 76 6.23 12.37 -10.88
CA LEU B 76 5.96 13.69 -11.44
C LEU B 76 4.49 14.05 -11.18
N THR B 77 4.27 15.08 -10.36
CA THR B 77 2.94 15.60 -10.11
C THR B 77 2.76 16.92 -10.84
N ASN B 78 1.49 17.34 -10.97
CA ASN B 78 1.14 18.57 -11.68
C ASN B 78 1.73 18.56 -13.08
N HIS B 79 1.59 17.43 -13.77
CA HIS B 79 2.21 17.25 -15.07
C HIS B 79 1.37 17.75 -16.23
N GLY B 80 0.07 17.95 -16.02
CA GLY B 80 -0.76 18.65 -17.00
C GLY B 80 -1.55 17.78 -17.95
N VAL B 81 -1.25 16.48 -18.06
CA VAL B 81 -2.02 15.61 -18.93
C VAL B 81 -3.29 15.19 -18.19
N GLU B 82 -4.43 15.33 -18.87
CA GLU B 82 -5.72 15.13 -18.22
C GLU B 82 -5.95 13.66 -17.90
N THR B 83 -6.54 13.42 -16.71
CA THR B 83 -6.84 12.05 -16.29
C THR B 83 -7.87 11.39 -17.20
N SER B 84 -8.74 12.19 -17.83
CA SER B 84 -9.65 11.65 -18.85
C SER B 84 -8.89 11.09 -20.04
N LEU B 85 -7.59 11.39 -20.16
CA LEU B 85 -6.72 10.76 -21.13
C LEU B 85 -5.79 9.72 -20.50
N MET B 86 -5.51 9.86 -19.21
CA MET B 86 -4.60 8.94 -18.53
C MET B 86 -5.25 7.59 -18.28
N ASP B 87 -6.39 7.59 -17.57
CA ASP B 87 -7.08 6.33 -17.34
C ASP B 87 -7.77 5.82 -18.59
N ASP B 88 -7.95 6.67 -19.60
CA ASP B 88 -8.54 6.22 -20.86
C ASP B 88 -7.55 5.36 -21.65
N VAL B 89 -6.27 5.73 -21.66
CA VAL B 89 -5.29 4.89 -22.33
C VAL B 89 -5.05 3.61 -21.53
N LEU B 90 -5.26 3.65 -20.21
CA LEU B 90 -5.12 2.43 -19.41
C LEU B 90 -6.33 1.52 -19.56
N ASN B 91 -7.52 2.09 -19.71
CA ASN B 91 -8.72 1.27 -19.88
C ASN B 91 -8.79 0.66 -21.27
N LEU B 92 -8.43 1.43 -22.31
CA LEU B 92 -8.37 0.85 -23.64
C LEU B 92 -7.27 -0.18 -23.76
N ALA B 93 -6.21 -0.07 -22.95
CA ALA B 93 -5.21 -1.12 -22.88
C ALA B 93 -5.79 -2.38 -22.25
N ARG B 94 -6.56 -2.21 -21.17
CA ARG B 94 -7.21 -3.35 -20.54
C ARG B 94 -8.24 -3.98 -21.46
N GLU B 95 -8.96 -3.15 -22.24
CA GLU B 95 -9.94 -3.69 -23.17
C GLU B 95 -9.30 -4.54 -24.25
N PHE B 96 -8.07 -4.21 -24.65
CA PHE B 96 -7.37 -5.05 -25.62
C PHE B 96 -6.93 -6.37 -24.99
N PHE B 97 -6.39 -6.32 -23.78
CA PHE B 97 -5.94 -7.53 -23.09
C PHE B 97 -7.09 -8.48 -22.77
N ASN B 98 -8.33 -7.98 -22.71
CA ASN B 98 -9.49 -8.81 -22.45
C ASN B 98 -10.18 -9.29 -23.73
N GLN B 99 -9.63 -8.99 -24.90
CA GLN B 99 -10.19 -9.51 -26.13
C GLN B 99 -9.95 -11.02 -26.22
N PRO B 100 -10.76 -11.73 -27.01
CA PRO B 100 -10.51 -13.17 -27.19
C PRO B 100 -9.13 -13.43 -27.75
N ILE B 101 -8.59 -14.60 -27.41
CA ILE B 101 -7.19 -14.90 -27.69
C ILE B 101 -6.93 -14.91 -29.20
N GLU B 102 -7.87 -15.41 -29.99
CA GLU B 102 -7.63 -15.47 -31.44
C GLU B 102 -7.66 -14.09 -32.06
N ARG B 103 -8.30 -13.10 -31.42
CA ARG B 103 -8.19 -11.72 -31.88
C ARG B 103 -6.82 -11.15 -31.59
N LYS B 104 -6.28 -11.42 -30.39
CA LYS B 104 -4.99 -10.86 -30.00
C LYS B 104 -3.84 -11.48 -30.79
N ARG B 105 -3.99 -12.74 -31.22
CA ARG B 105 -2.92 -13.41 -31.94
C ARG B 105 -2.64 -12.77 -33.30
N LYS B 106 -3.58 -11.99 -33.83
CA LYS B 106 -3.32 -11.24 -35.06
C LYS B 106 -2.20 -10.23 -34.87
N PHE B 107 -2.00 -9.77 -33.63
CA PHE B 107 -0.97 -8.79 -33.30
C PHE B 107 0.24 -9.42 -32.65
N SER B 108 0.42 -10.73 -32.79
CA SER B 108 1.52 -11.42 -32.13
C SER B 108 2.85 -11.00 -32.72
N ASN B 109 3.85 -10.84 -31.86
CA ASN B 109 5.20 -10.53 -32.31
C ASN B 109 5.95 -11.76 -32.81
N LEU B 110 5.33 -12.93 -32.74
CA LEU B 110 5.82 -14.13 -33.41
C LEU B 110 5.23 -14.12 -34.82
N ILE B 111 5.99 -13.54 -35.76
CA ILE B 111 5.48 -13.36 -37.12
C ILE B 111 5.18 -14.71 -37.74
N ASP B 112 3.95 -14.88 -38.21
CA ASP B 112 3.52 -16.12 -38.83
C ASP B 112 3.37 -17.20 -37.79
N GLY B 113 3.43 -16.80 -36.53
CA GLY B 113 3.33 -17.70 -35.41
C GLY B 113 4.64 -18.36 -35.07
N LYS B 114 5.69 -18.07 -35.85
CA LYS B 114 6.98 -18.70 -35.62
C LYS B 114 8.20 -17.77 -35.47
N ASN B 115 8.17 -16.60 -36.10
CA ASN B 115 9.36 -15.77 -36.18
C ASN B 115 9.31 -14.49 -35.37
N PHE B 116 10.23 -14.37 -34.43
CA PHE B 116 10.17 -13.32 -33.42
C PHE B 116 10.60 -11.98 -33.98
N GLN B 117 9.87 -10.94 -33.59
CA GLN B 117 10.34 -9.56 -33.64
C GLN B 117 9.94 -8.89 -32.34
N VAL B 118 10.47 -7.69 -32.11
CA VAL B 118 10.19 -7.02 -30.84
C VAL B 118 8.76 -6.45 -30.85
N GLU B 119 8.37 -5.80 -31.94
CA GLU B 119 7.09 -5.10 -31.96
C GLU B 119 5.93 -6.09 -32.06
N GLY B 120 4.92 -5.89 -31.21
CA GLY B 120 3.72 -6.69 -31.23
C GLY B 120 3.34 -7.17 -29.84
N TYR B 121 2.40 -8.11 -29.80
CA TYR B 121 1.89 -8.66 -28.55
C TYR B 121 2.54 -10.01 -28.29
N GLY B 122 3.14 -10.16 -27.10
CA GLY B 122 3.81 -11.39 -26.72
C GLY B 122 4.71 -11.17 -25.53
N THR B 123 5.89 -11.78 -25.54
CA THR B 123 6.88 -11.52 -24.50
C THR B 123 8.22 -11.19 -25.13
N ASP B 124 9.25 -11.03 -24.31
CA ASP B 124 10.57 -10.68 -24.82
C ASP B 124 11.24 -11.89 -25.46
N ARG B 125 12.38 -11.65 -26.11
CA ARG B 125 13.01 -12.67 -26.93
C ARG B 125 13.51 -13.83 -26.07
N VAL B 126 13.26 -15.05 -26.53
CA VAL B 126 13.76 -16.26 -25.90
C VAL B 126 14.99 -16.71 -26.68
N VAL B 127 16.17 -16.56 -26.08
CA VAL B 127 17.42 -16.82 -26.79
C VAL B 127 17.84 -18.29 -26.65
N THR B 128 17.58 -18.91 -25.50
CA THR B 128 17.92 -20.31 -25.27
C THR B 128 16.72 -21.03 -24.69
N GLN B 129 16.74 -22.36 -24.78
CA GLN B 129 15.63 -23.15 -24.29
C GLN B 129 15.57 -23.23 -22.77
N ASP B 130 16.65 -22.90 -22.07
CA ASP B 130 16.67 -22.90 -20.61
C ASP B 130 16.41 -21.52 -20.02
N GLN B 131 16.20 -20.50 -20.85
CA GLN B 131 15.95 -19.16 -20.33
C GLN B 131 14.63 -19.11 -19.57
N ILE B 132 14.67 -18.53 -18.37
CA ILE B 132 13.47 -18.37 -17.56
C ILE B 132 12.60 -17.28 -18.17
N LEU B 133 11.30 -17.56 -18.26
CA LEU B 133 10.33 -16.62 -18.81
C LEU B 133 9.69 -15.80 -17.69
N ASP B 134 9.40 -14.53 -17.98
CA ASP B 134 8.73 -13.67 -17.03
C ASP B 134 7.23 -13.95 -17.02
N TRP B 135 6.60 -13.71 -15.88
CA TRP B 135 5.18 -13.95 -15.70
C TRP B 135 4.41 -12.68 -16.10
N SER B 136 4.39 -12.42 -17.40
CA SER B 136 3.71 -11.26 -17.94
C SER B 136 3.67 -11.35 -19.45
N ASP B 137 2.81 -10.55 -20.06
CA ASP B 137 2.77 -10.30 -21.48
C ASP B 137 2.96 -8.81 -21.70
N ARG B 138 3.29 -8.42 -22.92
CA ARG B 138 3.41 -6.99 -23.19
C ARG B 138 3.11 -6.70 -24.66
N LEU B 139 2.48 -5.55 -24.89
CA LEU B 139 2.27 -5.01 -26.24
C LEU B 139 3.30 -3.92 -26.46
N PHE B 140 4.24 -4.17 -27.37
CA PHE B 140 5.36 -3.27 -27.63
C PHE B 140 5.15 -2.61 -28.99
N LEU B 141 5.04 -1.28 -28.97
CA LEU B 141 4.75 -0.50 -30.18
C LEU B 141 5.73 0.65 -30.31
N ARG B 142 6.32 0.81 -31.49
CA ARG B 142 7.07 2.02 -31.79
C ARG B 142 6.10 3.18 -32.00
N VAL B 143 6.40 4.32 -31.38
CA VAL B 143 5.56 5.51 -31.53
C VAL B 143 6.33 6.71 -32.10
N GLU B 144 7.66 6.61 -32.24
CA GLU B 144 8.47 7.72 -32.67
C GLU B 144 9.68 7.14 -33.39
N PRO B 145 10.04 7.67 -34.58
CA PRO B 145 9.33 8.73 -35.31
C PRO B 145 8.02 8.23 -35.90
N LYS B 146 7.05 9.13 -36.03
CA LYS B 146 5.70 8.75 -36.43
C LYS B 146 5.65 8.16 -37.83
N GLU B 147 6.63 8.48 -38.69
CA GLU B 147 6.62 7.92 -40.04
C GLU B 147 7.00 6.44 -40.06
N GLU B 148 7.69 5.96 -39.02
CA GLU B 148 8.13 4.58 -38.96
C GLU B 148 7.14 3.66 -38.24
N ARG B 149 5.97 4.16 -37.86
CA ARG B 149 5.00 3.37 -37.13
C ARG B 149 4.40 2.29 -38.02
N ASN B 150 4.38 1.06 -37.51
CA ASN B 150 3.79 -0.09 -38.21
C ASN B 150 2.40 -0.31 -37.62
N LEU B 151 1.38 0.21 -38.32
CA LEU B 151 0.01 0.18 -37.82
C LEU B 151 -0.65 -1.18 -37.91
N ALA B 152 -0.02 -2.15 -38.58
CA ALA B 152 -0.55 -3.51 -38.59
C ALA B 152 -0.53 -4.15 -37.22
N PHE B 153 0.26 -3.63 -36.29
CA PHE B 153 0.33 -4.14 -34.93
C PHE B 153 -0.39 -3.25 -33.92
N TRP B 154 -0.98 -2.16 -34.36
CA TRP B 154 -1.80 -1.34 -33.49
C TRP B 154 -3.21 -1.93 -33.41
N PRO B 155 -3.74 -2.17 -32.21
CA PRO B 155 -5.07 -2.80 -32.10
C PRO B 155 -6.16 -1.93 -32.71
N ASP B 156 -6.94 -2.54 -33.60
CA ASP B 156 -8.12 -1.90 -34.16
C ASP B 156 -9.37 -2.14 -33.33
N HIS B 157 -9.30 -3.02 -32.33
CA HIS B 157 -10.38 -3.26 -31.39
C HIS B 157 -9.77 -3.27 -29.99
N PRO B 158 -10.10 -2.29 -29.11
CA PRO B 158 -11.07 -1.20 -29.27
C PRO B 158 -10.76 -0.23 -30.41
N GLU B 159 -11.82 0.39 -30.95
CA GLU B 159 -11.70 1.15 -32.19
C GLU B 159 -10.78 2.36 -32.04
N SER B 160 -10.89 3.08 -30.94
CA SER B 160 -10.16 4.34 -30.76
C SER B 160 -8.80 4.16 -30.11
N PHE B 161 -8.25 2.94 -30.11
CA PHE B 161 -6.91 2.73 -29.54
C PHE B 161 -5.86 3.54 -30.30
N ARG B 162 -6.02 3.67 -31.62
CA ARG B 162 -5.08 4.45 -32.41
C ARG B 162 -5.02 5.90 -31.95
N ASP B 163 -6.18 6.49 -31.68
CA ASP B 163 -6.25 7.92 -31.40
C ASP B 163 -5.85 8.23 -29.96
N VAL B 164 -6.24 7.39 -29.00
CA VAL B 164 -5.92 7.66 -27.61
C VAL B 164 -4.42 7.54 -27.37
N LEU B 165 -3.77 6.57 -28.03
CA LEU B 165 -2.33 6.42 -27.88
C LEU B 165 -1.58 7.52 -28.63
N ASN B 166 -2.03 7.85 -29.84
CA ASN B 166 -1.38 8.89 -30.63
C ASN B 166 -1.41 10.24 -29.92
N GLU B 167 -2.45 10.51 -29.15
CA GLU B 167 -2.53 11.77 -28.40
C GLU B 167 -1.79 11.68 -27.07
N TYR B 168 -1.87 10.55 -26.37
CA TYR B 168 -1.11 10.40 -25.13
C TYR B 168 0.39 10.45 -25.41
N ALA B 169 0.82 9.88 -26.53
CA ALA B 169 2.22 9.99 -26.91
C ALA B 169 2.60 11.46 -27.10
N SER B 170 1.81 12.20 -27.88
CA SER B 170 2.13 13.61 -28.12
C SER B 170 2.25 14.38 -26.81
N ARG B 171 1.44 14.01 -25.81
CA ARG B 171 1.51 14.71 -24.52
C ARG B 171 2.79 14.37 -23.77
N THR B 172 3.08 13.08 -23.60
CA THR B 172 4.25 12.68 -22.81
C THR B 172 5.56 13.14 -23.43
N LYS B 173 5.61 13.27 -24.76
CA LYS B 173 6.79 13.83 -25.41
C LYS B 173 7.01 15.28 -25.03
N ARG B 174 5.93 16.02 -24.75
CA ARG B 174 6.08 17.36 -24.20
C ARG B 174 6.66 17.32 -22.80
N ILE B 175 6.21 16.37 -21.96
CA ILE B 175 6.81 16.18 -20.65
C ILE B 175 8.29 15.83 -20.77
N ARG B 176 8.66 15.10 -21.83
CA ARG B 176 10.05 14.70 -21.99
C ARG B 176 10.96 15.91 -22.18
N ASP B 177 10.52 16.89 -22.96
CA ASP B 177 11.32 18.08 -23.19
C ASP B 177 11.43 18.97 -21.96
N ASP B 178 10.46 18.91 -21.06
CA ASP B 178 10.52 19.75 -19.86
C ASP B 178 11.40 19.13 -18.77
N ILE B 179 11.50 17.81 -18.72
CA ILE B 179 12.43 17.16 -17.80
C ILE B 179 13.85 17.27 -18.32
N VAL B 180 14.02 17.32 -19.65
CA VAL B 180 15.36 17.48 -20.22
C VAL B 180 15.94 18.83 -19.83
N GLN B 181 15.17 19.90 -19.99
CA GLN B 181 15.67 21.24 -19.66
C GLN B 181 16.01 21.35 -18.19
N ALA B 182 15.20 20.76 -17.31
CA ALA B 182 15.52 20.80 -15.88
C ALA B 182 16.79 20.04 -15.58
N MET B 183 17.05 18.96 -16.32
CA MET B 183 18.25 18.15 -16.09
C MET B 183 19.48 18.78 -16.71
N SER B 184 19.32 19.46 -17.86
CA SER B 184 20.45 20.14 -18.48
C SER B 184 20.98 21.26 -17.59
N LYS B 185 20.09 22.18 -17.18
CA LYS B 185 20.50 23.25 -16.28
C LYS B 185 20.97 22.73 -14.93
N LEU B 186 20.61 21.50 -14.58
CA LEU B 186 21.03 20.93 -13.30
C LEU B 186 22.45 20.34 -13.38
N LEU B 187 22.85 19.89 -14.57
CA LEU B 187 24.19 19.40 -14.81
C LEU B 187 25.15 20.49 -15.26
N GLY B 188 24.66 21.70 -15.47
CA GLY B 188 25.50 22.75 -16.01
C GLY B 188 25.86 22.54 -17.47
N LEU B 189 24.94 21.99 -18.26
CA LEU B 189 25.18 21.68 -19.67
C LEU B 189 24.31 22.54 -20.57
N ASP B 190 24.63 22.50 -21.86
CA ASP B 190 23.85 23.20 -22.85
C ASP B 190 22.51 22.50 -23.08
N GLU B 191 21.46 23.32 -23.23
CA GLU B 191 20.10 22.78 -23.25
C GLU B 191 19.88 21.85 -24.44
N ASP B 192 20.41 22.21 -25.62
CA ASP B 192 20.19 21.43 -26.83
C ASP B 192 21.27 20.38 -27.08
N TYR B 193 22.08 20.07 -26.06
CA TYR B 193 22.94 18.89 -26.18
C TYR B 193 22.10 17.63 -26.31
N PHE B 194 20.96 17.58 -25.62
CA PHE B 194 20.07 16.43 -25.71
C PHE B 194 19.11 16.54 -26.90
N PHE B 195 18.70 17.76 -27.26
CA PHE B 195 17.74 17.92 -28.35
C PHE B 195 18.37 17.56 -29.70
N ASP B 196 19.68 17.71 -29.84
CA ASP B 196 20.35 17.18 -31.03
C ASP B 196 20.27 15.67 -31.07
N ARG B 197 20.26 15.01 -29.91
CA ARG B 197 20.17 13.55 -29.84
C ARG B 197 18.73 13.04 -29.75
N LEU B 198 17.80 13.87 -29.28
CA LEU B 198 16.39 13.51 -29.23
C LEU B 198 15.65 13.80 -30.52
N ASN B 199 16.32 14.42 -31.49
CA ASN B 199 15.68 14.72 -32.76
C ASN B 199 15.54 13.46 -33.59
N LYS B 200 14.31 13.18 -34.03
CA LYS B 200 13.99 11.96 -34.79
C LYS B 200 14.43 10.70 -34.06
N ALA B 201 14.42 10.75 -32.73
CA ALA B 201 14.89 9.68 -31.85
C ALA B 201 13.78 8.67 -31.60
N PRO B 202 14.13 7.39 -31.51
CA PRO B 202 13.11 6.35 -31.28
C PRO B 202 12.44 6.50 -29.92
N ALA B 203 11.17 6.15 -29.86
CA ALA B 203 10.41 6.09 -28.63
C ALA B 203 9.36 5.01 -28.77
N PHE B 204 9.12 4.28 -27.68
CA PHE B 204 8.29 3.09 -27.73
C PHE B 204 7.30 3.09 -26.56
N ALA B 205 6.12 2.54 -26.81
CA ALA B 205 5.10 2.36 -25.78
C ALA B 205 5.02 0.88 -25.43
N ARG B 206 5.20 0.56 -24.16
CA ARG B 206 5.17 -0.82 -23.68
C ARG B 206 4.03 -0.97 -22.69
N PHE B 207 2.93 -1.57 -23.13
CA PHE B 207 1.82 -1.92 -22.24
C PHE B 207 2.11 -3.29 -21.63
N ASN B 208 2.25 -3.33 -20.31
CA ASN B 208 2.52 -4.56 -19.60
C ASN B 208 1.28 -5.09 -18.92
N TYR B 209 1.06 -6.39 -19.00
CA TYR B 209 -0.02 -7.08 -18.30
C TYR B 209 0.60 -8.15 -17.42
N TYR B 210 0.49 -7.99 -16.11
CA TYR B 210 1.00 -8.95 -15.14
C TYR B 210 -0.16 -9.74 -14.57
N PRO B 211 -0.47 -10.93 -15.08
CA PRO B 211 -1.58 -11.71 -14.54
C PRO B 211 -1.27 -12.20 -13.15
N PRO B 212 -2.29 -12.54 -12.35
CA PRO B 212 -2.02 -13.15 -11.05
C PRO B 212 -1.36 -14.50 -11.21
N CYS B 213 -0.47 -14.82 -10.27
CA CYS B 213 0.25 -16.07 -10.31
C CYS B 213 -0.10 -16.91 -9.09
N PRO B 214 -0.33 -18.21 -9.25
CA PRO B 214 -0.61 -19.05 -8.08
C PRO B 214 0.55 -19.10 -7.09
N ARG B 215 1.77 -18.85 -7.56
CA ARG B 215 2.96 -18.87 -6.70
C ARG B 215 3.71 -17.56 -6.90
N PRO B 216 3.33 -16.49 -6.19
CA PRO B 216 3.99 -15.19 -6.37
C PRO B 216 5.43 -15.16 -5.85
N ASP B 217 5.88 -16.28 -5.29
CA ASP B 217 7.21 -16.41 -4.71
C ASP B 217 8.18 -17.17 -5.59
N LEU B 218 7.74 -17.64 -6.76
CA LEU B 218 8.59 -18.39 -7.66
C LEU B 218 8.87 -17.70 -8.99
N VAL B 219 8.20 -16.59 -9.29
CA VAL B 219 8.26 -15.98 -10.61
C VAL B 219 8.55 -14.49 -10.48
N PHE B 220 8.92 -13.87 -11.60
CA PHE B 220 9.01 -12.43 -11.73
C PHE B 220 7.96 -11.95 -12.72
N GLY B 221 7.24 -10.90 -12.36
CA GLY B 221 6.44 -10.21 -13.36
C GLY B 221 7.29 -9.68 -14.49
N VAL B 222 8.37 -8.99 -14.15
CA VAL B 222 9.47 -8.71 -15.07
C VAL B 222 10.76 -8.88 -14.29
N ARG B 223 11.77 -9.47 -14.95
CA ARG B 223 13.03 -9.77 -14.27
C ARG B 223 13.76 -8.48 -13.92
N PRO B 224 14.71 -8.54 -12.98
CA PRO B 224 15.49 -7.34 -12.65
C PRO B 224 16.24 -6.82 -13.87
N HIS B 225 16.13 -5.51 -14.10
CA HIS B 225 16.71 -4.89 -15.28
C HIS B 225 16.81 -3.39 -15.05
N SER B 226 17.59 -2.74 -15.91
CA SER B 226 17.58 -1.29 -16.05
C SER B 226 17.22 -0.94 -17.49
N ASP B 227 16.41 0.10 -17.66
CA ASP B 227 15.99 0.49 -19.01
C ASP B 227 17.19 1.03 -19.79
N GLY B 228 17.25 0.67 -21.07
CA GLY B 228 18.32 1.18 -21.91
C GLY B 228 18.05 2.52 -22.55
N SER B 229 16.88 3.10 -22.27
CA SER B 229 16.45 4.34 -22.91
C SER B 229 17.16 5.53 -22.26
N LEU B 230 16.71 6.74 -22.61
CA LEU B 230 17.16 7.94 -21.90
C LEU B 230 16.28 8.16 -20.68
N PHE B 231 15.00 8.45 -20.90
CA PHE B 231 13.98 8.50 -19.86
C PHE B 231 12.99 7.37 -20.05
N THR B 232 12.30 7.03 -18.97
CA THR B 232 11.12 6.19 -19.02
C THR B 232 10.00 6.88 -18.27
N ILE B 233 8.85 7.05 -18.92
CA ILE B 233 7.67 7.63 -18.31
C ILE B 233 6.68 6.50 -18.07
N LEU B 234 6.48 6.15 -16.81
CA LEU B 234 5.68 5.00 -16.43
C LEU B 234 4.33 5.44 -15.87
N LEU B 235 3.28 4.73 -16.29
CA LEU B 235 1.92 4.98 -15.84
C LEU B 235 1.30 3.65 -15.44
N VAL B 236 0.74 3.59 -14.23
CA VAL B 236 0.17 2.35 -13.71
C VAL B 236 -1.31 2.56 -13.45
N ASP B 237 -2.09 1.48 -13.58
CA ASP B 237 -3.53 1.51 -13.41
C ASP B 237 -3.88 1.01 -12.02
N GLU B 238 -4.28 1.92 -11.14
CA GLU B 238 -4.71 1.60 -9.77
C GLU B 238 -3.68 0.74 -9.05
N ASP B 239 -2.45 1.28 -8.99
CA ASP B 239 -1.32 0.52 -8.47
C ASP B 239 -1.52 0.17 -7.01
N VAL B 240 -1.35 -1.11 -6.69
CA VAL B 240 -1.45 -1.61 -5.33
C VAL B 240 -0.20 -2.35 -4.88
N GLY B 241 0.79 -2.49 -5.75
CA GLY B 241 2.04 -3.12 -5.41
C GLY B 241 2.59 -3.89 -6.59
N GLY B 242 3.89 -4.17 -6.52
CA GLY B 242 4.56 -4.88 -7.59
C GLY B 242 5.92 -4.33 -7.94
N LEU B 243 6.00 -3.04 -8.24
CA LEU B 243 7.27 -2.44 -8.65
C LEU B 243 8.24 -2.39 -7.48
N GLN B 244 9.47 -2.83 -7.72
CA GLN B 244 10.53 -2.77 -6.73
C GLN B 244 11.80 -2.23 -7.36
N ILE B 245 12.45 -1.30 -6.68
CA ILE B 245 13.69 -0.69 -7.12
C ILE B 245 14.82 -1.14 -6.21
N GLN B 246 16.01 -1.31 -6.80
CA GLN B 246 17.19 -1.77 -6.07
C GLN B 246 18.17 -0.62 -5.85
N ARG B 247 18.83 -0.64 -4.68
CA ARG B 247 19.86 0.34 -4.38
C ARG B 247 20.85 -0.31 -3.41
N ASP B 248 22.08 -0.52 -3.88
CA ASP B 248 23.14 -1.16 -3.10
C ASP B 248 22.69 -2.53 -2.58
N GLY B 249 22.28 -3.39 -3.51
CA GLY B 249 21.89 -4.74 -3.20
C GLY B 249 20.54 -4.90 -2.52
N LYS B 250 20.02 -3.85 -1.90
CA LYS B 250 18.77 -3.92 -1.17
C LYS B 250 17.61 -3.49 -2.05
N TRP B 251 16.49 -4.21 -1.94
CA TRP B 251 15.29 -3.94 -2.72
C TRP B 251 14.26 -3.18 -1.89
N TYR B 252 13.56 -2.24 -2.53
CA TYR B 252 12.57 -1.39 -1.88
C TYR B 252 11.30 -1.34 -2.70
N ASN B 253 10.15 -1.48 -2.04
CA ASN B 253 8.87 -1.35 -2.71
C ASN B 253 8.52 0.11 -2.92
N VAL B 254 8.01 0.42 -4.12
CA VAL B 254 7.48 1.74 -4.43
C VAL B 254 6.13 1.58 -5.10
N GLN B 255 5.26 2.56 -4.91
CA GLN B 255 3.92 2.55 -5.48
C GLN B 255 3.71 3.83 -6.28
N VAL B 256 3.45 3.67 -7.58
CA VAL B 256 3.04 4.80 -8.40
C VAL B 256 1.60 5.12 -8.06
N THR B 257 1.41 6.10 -7.19
CA THR B 257 0.06 6.47 -6.77
C THR B 257 -0.76 6.90 -7.99
N PRO B 258 -2.08 6.71 -7.94
CA PRO B 258 -2.91 7.07 -9.10
C PRO B 258 -2.76 8.54 -9.46
N ASN B 259 -2.89 8.82 -10.76
CA ASN B 259 -2.84 10.14 -11.40
C ASN B 259 -1.43 10.68 -11.52
N THR B 260 -0.40 9.95 -11.10
CA THR B 260 0.97 10.43 -11.18
C THR B 260 1.75 9.64 -12.22
N LEU B 261 2.81 10.27 -12.74
CA LEU B 261 3.69 9.67 -13.73
C LEU B 261 5.06 9.45 -13.11
N LEU B 262 5.50 8.20 -13.05
CA LEU B 262 6.83 7.89 -12.56
C LEU B 262 7.85 8.08 -13.68
N ILE B 263 8.98 8.70 -13.35
CA ILE B 263 10.07 8.91 -14.30
C ILE B 263 11.32 8.24 -13.74
N ASN B 264 11.91 7.34 -14.52
CA ASN B 264 13.16 6.70 -14.14
C ASN B 264 14.18 6.86 -15.26
N LEU B 265 15.44 7.02 -14.86
CA LEU B 265 16.53 7.23 -15.80
C LEU B 265 16.97 5.91 -16.42
N GLY B 266 17.34 5.97 -17.70
CA GLY B 266 17.82 4.81 -18.42
C GLY B 266 19.34 4.76 -18.46
N ASP B 267 19.83 3.67 -19.04
CA ASP B 267 21.27 3.44 -19.10
C ASP B 267 21.97 4.42 -20.04
N THR B 268 21.27 4.88 -21.08
CA THR B 268 21.86 5.89 -21.96
C THR B 268 22.15 7.17 -21.21
N MET B 269 21.25 7.57 -20.31
CA MET B 269 21.46 8.80 -19.55
C MET B 269 22.62 8.64 -18.57
N GLU B 270 22.75 7.47 -17.94
CA GLU B 270 23.84 7.25 -17.01
C GLU B 270 25.19 7.41 -17.69
N VAL B 271 25.30 6.94 -18.94
CA VAL B 271 26.57 7.06 -19.65
C VAL B 271 26.82 8.50 -20.08
N LEU B 272 25.77 9.17 -20.60
CA LEU B 272 25.95 10.53 -21.09
C LEU B 272 26.28 11.50 -19.96
N CYS B 273 25.67 11.32 -18.79
CA CYS B 273 25.93 12.20 -17.67
C CYS B 273 27.16 11.79 -16.85
N ASN B 274 27.91 10.80 -17.32
CA ASN B 274 29.18 10.40 -16.69
C ASN B 274 29.00 9.93 -15.25
N GLY B 275 27.83 9.36 -14.93
CA GLY B 275 27.63 8.77 -13.62
C GLY B 275 27.26 9.73 -12.52
N ILE B 276 26.98 10.99 -12.85
CA ILE B 276 26.45 11.91 -11.85
C ILE B 276 25.10 11.42 -11.35
N PHE B 277 24.23 11.01 -12.27
CA PHE B 277 22.97 10.37 -11.96
C PHE B 277 23.07 8.87 -12.20
N ARG B 278 22.17 8.12 -11.57
CA ARG B 278 22.19 6.67 -11.62
C ARG B 278 21.01 6.13 -12.42
N SER B 279 21.21 4.95 -13.01
CA SER B 279 20.13 4.23 -13.68
C SER B 279 19.66 3.12 -12.76
N PRO B 280 18.44 3.19 -12.22
CA PRO B 280 18.02 2.21 -11.20
C PRO B 280 17.66 0.87 -11.83
N VAL B 281 18.19 -0.19 -11.24
CA VAL B 281 17.75 -1.55 -11.55
C VAL B 281 16.42 -1.80 -10.85
N HIS B 282 15.46 -2.38 -11.58
CA HIS B 282 14.13 -2.57 -11.02
C HIS B 282 13.52 -3.85 -11.57
N ARG B 283 12.44 -4.29 -10.91
CA ARG B 283 11.73 -5.50 -11.26
C ARG B 283 10.29 -5.35 -10.82
N VAL B 284 9.46 -6.32 -11.20
CA VAL B 284 8.07 -6.38 -10.79
C VAL B 284 7.78 -7.80 -10.29
N VAL B 285 7.24 -7.90 -9.08
CA VAL B 285 6.83 -9.17 -8.53
C VAL B 285 5.32 -9.30 -8.67
N THR B 286 4.85 -10.54 -8.72
CA THR B 286 3.43 -10.80 -8.91
C THR B 286 2.75 -11.05 -7.57
N ASN B 287 1.43 -11.13 -7.61
CA ASN B 287 0.61 -11.54 -6.47
C ASN B 287 -0.40 -12.57 -6.95
N ALA B 288 -1.10 -13.18 -5.99
CA ALA B 288 -2.00 -14.28 -6.29
C ALA B 288 -3.44 -13.85 -6.54
N GLU B 289 -3.78 -12.58 -6.28
CA GLU B 289 -5.18 -12.14 -6.33
C GLU B 289 -5.52 -11.35 -7.59
N ARG B 290 -4.79 -10.28 -7.88
CA ARG B 290 -5.20 -9.31 -8.88
C ARG B 290 -4.10 -9.11 -9.93
N GLU B 291 -4.54 -8.72 -11.13
CA GLU B 291 -3.61 -8.41 -12.20
C GLU B 291 -2.99 -7.03 -11.96
N ARG B 292 -2.08 -6.66 -12.86
CA ARG B 292 -1.44 -5.35 -12.79
C ARG B 292 -1.15 -4.89 -14.22
N ILE B 293 -1.56 -3.66 -14.55
CA ILE B 293 -1.39 -3.11 -15.88
C ILE B 293 -0.61 -1.81 -15.77
N SER B 294 0.44 -1.68 -16.59
CA SER B 294 1.22 -0.46 -16.63
C SER B 294 1.62 -0.15 -18.07
N LEU B 295 1.82 1.14 -18.35
CA LEU B 295 2.28 1.61 -19.64
C LEU B 295 3.56 2.40 -19.45
N ALA B 296 4.62 2.01 -20.17
CA ALA B 296 5.91 2.67 -20.10
C ALA B 296 6.21 3.32 -21.44
N MET B 297 6.51 4.61 -21.41
CA MET B 297 6.96 5.35 -22.58
C MET B 297 8.47 5.49 -22.50
N LEU B 298 9.18 4.68 -23.29
CA LEU B 298 10.63 4.65 -23.27
C LEU B 298 11.18 5.52 -24.39
N TYR B 299 12.13 6.39 -24.04
CA TYR B 299 12.67 7.38 -24.97
C TYR B 299 14.16 7.14 -25.16
N SER B 300 14.57 6.78 -26.37
CA SER B 300 15.97 6.59 -26.70
C SER B 300 16.51 7.83 -27.41
N VAL B 301 17.83 7.84 -27.62
CA VAL B 301 18.48 8.86 -28.42
C VAL B 301 18.61 8.34 -29.84
N ASN B 302 18.87 9.25 -30.78
CA ASN B 302 19.03 8.86 -32.18
C ASN B 302 20.39 8.19 -32.37
N ASP B 303 20.80 8.04 -33.63
CA ASP B 303 22.05 7.36 -33.96
C ASP B 303 23.09 8.34 -34.52
N GLU B 304 22.99 9.62 -34.18
CA GLU B 304 23.92 10.62 -34.69
C GLU B 304 25.31 10.41 -34.09
N LYS B 305 25.48 10.78 -32.83
CA LYS B 305 26.77 10.71 -32.15
C LYS B 305 26.84 9.45 -31.28
N ASP B 306 28.07 9.08 -30.93
CA ASP B 306 28.29 7.88 -30.14
C ASP B 306 27.82 8.08 -28.69
N ILE B 307 27.62 6.96 -28.00
CA ILE B 307 27.17 6.98 -26.61
C ILE B 307 28.40 7.12 -25.73
N GLY B 308 28.57 8.30 -25.14
CA GLY B 308 29.69 8.56 -24.28
C GLY B 308 29.44 9.78 -23.41
N PRO B 309 30.24 9.93 -22.35
CA PRO B 309 30.02 11.07 -21.45
C PRO B 309 30.10 12.40 -22.18
N ALA B 310 29.21 13.31 -21.81
CA ALA B 310 29.14 14.62 -22.45
C ALA B 310 30.44 15.39 -22.25
N ALA B 311 30.99 15.91 -23.36
CA ALA B 311 32.28 16.59 -23.29
C ALA B 311 32.24 17.79 -22.35
N GLY B 312 31.09 18.47 -22.28
CA GLY B 312 30.96 19.60 -21.38
C GLY B 312 31.02 19.25 -19.90
N LEU B 313 30.95 17.96 -19.56
CA LEU B 313 31.00 17.51 -18.17
C LEU B 313 32.36 16.97 -17.77
N LEU B 314 33.31 16.94 -18.70
CA LEU B 314 34.58 16.25 -18.46
C LEU B 314 35.69 17.29 -18.29
N ASP B 315 35.61 18.02 -17.19
CA ASP B 315 36.64 18.97 -16.82
C ASP B 315 37.78 18.22 -16.11
N GLU B 316 38.74 18.95 -15.55
CA GLU B 316 39.89 18.28 -14.95
C GLU B 316 39.53 17.62 -13.63
N ASN B 317 38.50 18.12 -12.94
CA ASN B 317 38.15 17.58 -11.63
C ASN B 317 37.47 16.22 -11.75
N ARG B 318 36.57 16.06 -12.73
CA ARG B 318 35.79 14.83 -12.89
C ARG B 318 35.86 14.38 -14.33
N PRO B 319 36.88 13.60 -14.70
CA PRO B 319 37.01 13.15 -16.09
C PRO B 319 36.14 11.94 -16.41
N ALA B 320 36.33 11.36 -17.60
CA ALA B 320 35.43 10.31 -18.07
C ALA B 320 35.53 9.07 -17.19
N ARG B 321 34.38 8.56 -16.77
CA ARG B 321 34.28 7.31 -16.03
C ARG B 321 33.62 6.20 -16.85
N TYR B 322 33.16 6.51 -18.06
CA TYR B 322 32.55 5.53 -18.94
C TYR B 322 33.22 5.61 -20.31
N ARG B 323 33.29 4.47 -20.98
CA ARG B 323 33.86 4.42 -22.32
C ARG B 323 32.85 4.97 -23.33
N LYS B 324 33.38 5.58 -24.39
CA LYS B 324 32.57 6.10 -25.48
C LYS B 324 32.43 5.02 -26.54
N VAL B 325 31.22 4.48 -26.69
CA VAL B 325 30.95 3.34 -27.55
C VAL B 325 30.00 3.78 -28.66
N SER B 326 30.04 3.05 -29.78
CA SER B 326 29.16 3.33 -30.89
C SER B 326 27.72 2.95 -30.53
N VAL B 327 26.77 3.65 -31.16
CA VAL B 327 25.36 3.43 -30.84
C VAL B 327 24.96 1.99 -31.14
N GLY B 328 25.41 1.45 -32.27
CA GLY B 328 25.06 0.08 -32.61
C GLY B 328 25.56 -0.93 -31.59
N GLU B 329 26.81 -0.76 -31.14
CA GLU B 329 27.36 -1.66 -30.13
C GLU B 329 26.65 -1.47 -28.79
N PHE B 330 26.21 -0.24 -28.51
CA PHE B 330 25.47 0.02 -27.28
C PHE B 330 24.10 -0.66 -27.31
N ARG B 331 23.37 -0.49 -28.41
CA ARG B 331 22.04 -1.07 -28.51
C ARG B 331 22.07 -2.59 -28.54
N ALA B 332 23.16 -3.19 -29.03
CA ALA B 332 23.23 -4.64 -29.05
C ALA B 332 23.52 -5.20 -27.66
N GLY B 333 24.33 -4.49 -26.87
CA GLY B 333 24.61 -4.95 -25.53
C GLY B 333 23.40 -4.84 -24.60
N ILE B 334 22.64 -3.75 -24.72
CA ILE B 334 21.41 -3.62 -23.93
C ILE B 334 20.43 -4.72 -24.32
N PHE B 335 20.32 -5.02 -25.62
CA PHE B 335 19.35 -6.01 -26.07
C PHE B 335 19.72 -7.41 -25.60
N GLY B 336 21.00 -7.75 -25.62
CA GLY B 336 21.41 -9.11 -25.31
C GLY B 336 21.47 -9.44 -23.83
N LYS B 337 21.81 -8.45 -23.00
CA LYS B 337 22.01 -8.68 -21.57
C LYS B 337 20.74 -8.54 -20.76
N PHE B 338 19.61 -8.18 -21.39
CA PHE B 338 18.36 -8.11 -20.64
C PHE B 338 17.93 -9.49 -20.16
N SER B 339 18.13 -10.52 -20.97
CA SER B 339 17.78 -11.89 -20.62
C SER B 339 18.89 -12.61 -19.85
N ARG B 340 19.88 -11.88 -19.35
CA ARG B 340 20.96 -12.46 -18.56
C ARG B 340 21.19 -11.58 -17.34
N ARG B 341 22.12 -12.00 -16.48
CA ARG B 341 22.27 -11.36 -15.17
C ARG B 341 23.16 -10.13 -15.23
N GLU B 342 24.23 -10.16 -16.04
CA GLU B 342 25.19 -9.06 -16.05
C GLU B 342 24.57 -7.79 -16.63
N ARG B 343 24.82 -6.67 -15.97
CA ARG B 343 24.47 -5.37 -16.53
C ARG B 343 25.48 -5.00 -17.60
N TYR B 344 25.00 -4.72 -18.81
CA TYR B 344 25.88 -4.31 -19.89
C TYR B 344 26.60 -3.01 -19.56
N ILE B 345 25.97 -2.15 -18.75
CA ILE B 345 26.51 -0.82 -18.47
C ILE B 345 27.77 -0.91 -17.62
N ASP B 346 27.88 -1.94 -16.78
CA ASP B 346 29.07 -2.10 -15.95
C ASP B 346 30.29 -2.48 -16.78
N SER B 347 30.08 -3.06 -17.97
CA SER B 347 31.19 -3.30 -18.87
C SER B 347 31.72 -2.03 -19.51
N LEU B 348 31.06 -0.90 -19.27
CA LEU B 348 31.47 0.39 -19.82
C LEU B 348 32.20 1.27 -18.81
N LYS B 349 32.25 0.87 -17.54
CA LYS B 349 32.84 1.70 -16.51
C LYS B 349 34.37 1.66 -16.60
N ILE B 350 34.98 2.82 -16.40
CA ILE B 350 36.44 2.95 -16.43
C ILE B 350 36.94 3.36 -15.05
CO CO C . -7.82 -1.86 19.10
C1 AKG D . -8.49 0.93 18.71
O1 AKG D . -8.73 2.17 18.85
O2 AKG D . -8.93 0.11 19.56
C2 AKG D . -7.67 0.46 17.53
O5 AKG D . -6.94 -0.47 17.64
C3 AKG D . -7.79 1.19 16.19
C4 AKG D . -6.52 0.94 15.38
C5 AKG D . -6.45 1.89 14.19
O3 AKG D . -6.49 3.14 14.37
O4 AKG D . -6.35 1.44 13.02
C1 AKG E . -9.26 -1.50 24.54
O1 AKG E . -9.20 -2.05 25.68
O2 AKG E . -10.02 -1.96 23.66
C2 AKG E . -8.39 -0.26 24.26
O5 AKG E . -8.07 -0.01 23.14
C3 AKG E . -7.96 0.63 25.42
C4 AKG E . -8.98 1.72 25.70
C5 AKG E . -8.96 2.08 27.19
O3 AKG E . -7.99 1.72 27.91
O4 AKG E . -9.93 2.71 27.69
CO CO F . 11.81 -1.05 -16.89
C1 AKG G . 9.43 -1.65 -18.15
O1 AKG G . 10.56 -1.31 -18.61
O2 AKG G . 8.51 -2.01 -18.91
C2 AKG G . 9.18 -1.61 -16.65
O5 AKG G . 10.06 -1.87 -15.88
C3 AKG G . 7.79 -1.26 -16.11
C4 AKG G . 7.54 -2.03 -14.82
C5 AKG G . 6.12 -1.77 -14.32
O3 AKG G . 5.93 -1.02 -13.33
O4 AKG G . 5.14 -2.32 -14.89
C1 AKG H . 12.40 -4.66 -24.65
O1 AKG H . 13.44 -4.92 -25.33
O2 AKG H . 11.30 -4.49 -25.25
C2 AKG H . 12.48 -4.56 -23.14
O5 AKG H . 12.69 -5.52 -22.49
C3 AKG H . 12.28 -3.20 -22.44
C4 AKG H . 13.28 -3.08 -21.30
C5 AKG H . 14.44 -2.20 -21.75
O3 AKG H . 14.30 -0.96 -21.84
O4 AKG H . 15.56 -2.73 -22.02
#